data_8XPI
# 
_entry.id   8XPI 
# 
_audit_conform.dict_name       mmcif_pdbx.dic 
_audit_conform.dict_version    5.399 
_audit_conform.dict_location   http://mmcif.pdb.org/dictionaries/ascii/mmcif_pdbx.dic 
# 
loop_
_database_2.database_id 
_database_2.database_code 
_database_2.pdbx_database_accession 
_database_2.pdbx_DOI 
PDB   8XPI         pdb_00008xpi 10.2210/pdb8xpi/pdb 
WWPDB D_1300043964 ?            ?                   
# 
_pdbx_audit_revision_history.ordinal             1 
_pdbx_audit_revision_history.data_content_type   'Structure model' 
_pdbx_audit_revision_history.major_revision      1 
_pdbx_audit_revision_history.minor_revision      0 
_pdbx_audit_revision_history.revision_date       2025-01-15 
# 
_pdbx_audit_revision_details.ordinal             1 
_pdbx_audit_revision_details.revision_ordinal    1 
_pdbx_audit_revision_details.data_content_type   'Structure model' 
_pdbx_audit_revision_details.provider            repository 
_pdbx_audit_revision_details.type                'Initial release' 
_pdbx_audit_revision_details.description         ? 
_pdbx_audit_revision_details.details             ? 
# 
_pdbx_database_status.status_code                     REL 
_pdbx_database_status.status_code_sf                  REL 
_pdbx_database_status.status_code_mr                  ? 
_pdbx_database_status.entry_id                        8XPI 
_pdbx_database_status.recvd_initial_deposition_date   2024-01-03 
_pdbx_database_status.SG_entry                        N 
_pdbx_database_status.deposit_site                    PDBJ 
_pdbx_database_status.process_site                    PDBJ 
_pdbx_database_status.status_code_cs                  ? 
_pdbx_database_status.status_code_nmr_data            ? 
_pdbx_database_status.methods_development_category    ? 
_pdbx_database_status.pdb_format_compatible           Y 
# 
loop_
_pdbx_contact_author.id 
_pdbx_contact_author.email 
_pdbx_contact_author.name_first 
_pdbx_contact_author.name_last 
_pdbx_contact_author.name_mi 
_pdbx_contact_author.role 
_pdbx_contact_author.identifier_ORCID 
2 2016302200402@webmail.hzau.edu.cn Ding     Zhang ? 'principal investigator/group leader' 0000-0002-5520-7629 
3 zhaotianzhang@webmail.hzau.edu.cn Zhaotian Zhang ? 'principal investigator/group leader' 0009-0006-0317-0058 
4 shiyuejun2017@mail.hzau.edu.cn    Yuejun   Shi   ? 'principal investigator/group leader' 0000-0002-9500-6995 
# 
loop_
_audit_author.name 
_audit_author.pdbx_ordinal 
_audit_author.identifier_ORCID 
'Zhang, D.'   1 0000-0002-5520-7629 
'Zhang, Z.T.' 2 0009-0006-0317-0058 
'Shi, Y.J.'   3 0000-0002-9500-6995 
'Peng, G.Q.'  4 0000-0002-7093-4728 
# 
_citation.abstract                  ? 
_citation.abstract_id_CAS           ? 
_citation.book_id_ISBN              ? 
_citation.book_publisher            ? 
_citation.book_publisher_city       ? 
_citation.book_title                ? 
_citation.coordinate_linkage        ? 
_citation.country                   ? 
_citation.database_id_Medline       ? 
_citation.details                   ? 
_citation.id                        primary 
_citation.journal_abbrev            'To Be Published' 
_citation.journal_id_ASTM           ? 
_citation.journal_id_CSD            0353 
_citation.journal_id_ISSN           ? 
_citation.journal_full              ? 
_citation.journal_issue             ? 
_citation.journal_volume            ? 
_citation.language                  ? 
_citation.page_first                ? 
_citation.page_last                 ? 
_citation.title                     'Structure of the C-terminal domain of nsp4 from PEDV' 
_citation.year                      ? 
_citation.database_id_CSD           ? 
_citation.pdbx_database_id_DOI      ? 
_citation.pdbx_database_id_PubMed   ? 
_citation.pdbx_database_id_patent   ? 
_citation.unpublished_flag          ? 
# 
loop_
_citation_author.citation_id 
_citation_author.name 
_citation_author.ordinal 
_citation_author.identifier_ORCID 
primary 'Zhang, D.'   1 0000-0002-5520-7629 
primary 'Zhang, Z.T.' 2 0009-0006-0317-0058 
primary 'Shi, Y.J.'   3 0000-0002-9500-6995 
primary 'Peng, G.Q.'  4 0000-0002-7093-4728 
# 
loop_
_entity.id 
_entity.type 
_entity.src_method 
_entity.pdbx_description 
_entity.formula_weight 
_entity.pdbx_number_of_molecules 
_entity.pdbx_ec 
_entity.pdbx_mutation 
_entity.pdbx_fragment 
_entity.details 
1 polymer man 'ORF1ab polyprotein' 12320.588 1  ? ? Nsp4C ? 
2 water   nat water                18.015    37 ? ? ?     ? 
# 
_entity_poly.entity_id                      1 
_entity_poly.type                           'polypeptide(L)' 
_entity_poly.nstd_linkage                   no 
_entity_poly.nstd_monomer                   no 
_entity_poly.pdbx_seq_one_letter_code       
;MLFEGDKFVGSFENAAAGTFVLDMYAYERLANSISTEKLRQYASTYNKYKYYSGSASEADYRLACFAHLAKAMMDYASNH
NDTLYTPPTVSYNSTLQLEHHHHHHHH
;
_entity_poly.pdbx_seq_one_letter_code_can   
;MLFEGDKFVGSFENAAAGTFVLDMYAYERLANSISTEKLRQYASTYNKYKYYSGSASEADYRLACFAHLAKAMMDYASNH
NDTLYTPPTVSYNSTLQLEHHHHHHHH
;
_entity_poly.pdbx_strand_id                 A 
_entity_poly.pdbx_target_identifier         ? 
# 
_pdbx_entity_nonpoly.entity_id   2 
_pdbx_entity_nonpoly.name        water 
_pdbx_entity_nonpoly.comp_id     HOH 
# 
loop_
_entity_poly_seq.entity_id 
_entity_poly_seq.num 
_entity_poly_seq.mon_id 
_entity_poly_seq.hetero 
1 1   MET n 
1 2   LEU n 
1 3   PHE n 
1 4   GLU n 
1 5   GLY n 
1 6   ASP n 
1 7   LYS n 
1 8   PHE n 
1 9   VAL n 
1 10  GLY n 
1 11  SER n 
1 12  PHE n 
1 13  GLU n 
1 14  ASN n 
1 15  ALA n 
1 16  ALA n 
1 17  ALA n 
1 18  GLY n 
1 19  THR n 
1 20  PHE n 
1 21  VAL n 
1 22  LEU n 
1 23  ASP n 
1 24  MET n 
1 25  TYR n 
1 26  ALA n 
1 27  TYR n 
1 28  GLU n 
1 29  ARG n 
1 30  LEU n 
1 31  ALA n 
1 32  ASN n 
1 33  SER n 
1 34  ILE n 
1 35  SER n 
1 36  THR n 
1 37  GLU n 
1 38  LYS n 
1 39  LEU n 
1 40  ARG n 
1 41  GLN n 
1 42  TYR n 
1 43  ALA n 
1 44  SER n 
1 45  THR n 
1 46  TYR n 
1 47  ASN n 
1 48  LYS n 
1 49  TYR n 
1 50  LYS n 
1 51  TYR n 
1 52  TYR n 
1 53  SER n 
1 54  GLY n 
1 55  SER n 
1 56  ALA n 
1 57  SER n 
1 58  GLU n 
1 59  ALA n 
1 60  ASP n 
1 61  TYR n 
1 62  ARG n 
1 63  LEU n 
1 64  ALA n 
1 65  CYS n 
1 66  PHE n 
1 67  ALA n 
1 68  HIS n 
1 69  LEU n 
1 70  ALA n 
1 71  LYS n 
1 72  ALA n 
1 73  MET n 
1 74  MET n 
1 75  ASP n 
1 76  TYR n 
1 77  ALA n 
1 78  SER n 
1 79  ASN n 
1 80  HIS n 
1 81  ASN n 
1 82  ASP n 
1 83  THR n 
1 84  LEU n 
1 85  TYR n 
1 86  THR n 
1 87  PRO n 
1 88  PRO n 
1 89  THR n 
1 90  VAL n 
1 91  SER n 
1 92  TYR n 
1 93  ASN n 
1 94  SER n 
1 95  THR n 
1 96  LEU n 
1 97  GLN n 
1 98  LEU n 
1 99  GLU n 
1 100 HIS n 
1 101 HIS n 
1 102 HIS n 
1 103 HIS n 
1 104 HIS n 
1 105 HIS n 
1 106 HIS n 
1 107 HIS n 
# 
_entity_src_gen.entity_id                          1 
_entity_src_gen.pdbx_src_id                        1 
_entity_src_gen.pdbx_alt_source_flag               sample 
_entity_src_gen.pdbx_seq_type                      'Biological sequence' 
_entity_src_gen.pdbx_beg_seq_num                   1 
_entity_src_gen.pdbx_end_seq_num                   107 
_entity_src_gen.gene_src_common_name               ? 
_entity_src_gen.gene_src_genus                     ? 
_entity_src_gen.pdbx_gene_src_gene                 ? 
_entity_src_gen.gene_src_species                   ? 
_entity_src_gen.gene_src_strain                    ? 
_entity_src_gen.gene_src_tissue                    ? 
_entity_src_gen.gene_src_tissue_fraction           ? 
_entity_src_gen.gene_src_details                   ? 
_entity_src_gen.pdbx_gene_src_fragment             ? 
_entity_src_gen.pdbx_gene_src_scientific_name      'Porcine epidemic diarrhea virus' 
_entity_src_gen.pdbx_gene_src_ncbi_taxonomy_id     28295 
_entity_src_gen.pdbx_gene_src_variant              ? 
_entity_src_gen.pdbx_gene_src_cell_line            ? 
_entity_src_gen.pdbx_gene_src_atcc                 ? 
_entity_src_gen.pdbx_gene_src_organ                ? 
_entity_src_gen.pdbx_gene_src_organelle            ? 
_entity_src_gen.pdbx_gene_src_cell                 ? 
_entity_src_gen.pdbx_gene_src_cellular_location    ? 
_entity_src_gen.host_org_common_name               ? 
_entity_src_gen.pdbx_host_org_scientific_name      'Escherichia coli' 
_entity_src_gen.pdbx_host_org_ncbi_taxonomy_id     562 
_entity_src_gen.host_org_genus                     ? 
_entity_src_gen.pdbx_host_org_gene                 ? 
_entity_src_gen.pdbx_host_org_organ                ? 
_entity_src_gen.host_org_species                   ? 
_entity_src_gen.pdbx_host_org_tissue               ? 
_entity_src_gen.pdbx_host_org_tissue_fraction      ? 
_entity_src_gen.pdbx_host_org_strain               ? 
_entity_src_gen.pdbx_host_org_variant              ? 
_entity_src_gen.pdbx_host_org_cell_line            ? 
_entity_src_gen.pdbx_host_org_atcc                 ? 
_entity_src_gen.pdbx_host_org_culture_collection   ? 
_entity_src_gen.pdbx_host_org_cell                 ? 
_entity_src_gen.pdbx_host_org_organelle            ? 
_entity_src_gen.pdbx_host_org_cellular_location    ? 
_entity_src_gen.pdbx_host_org_vector_type          ? 
_entity_src_gen.pdbx_host_org_vector               ? 
_entity_src_gen.host_org_details                   ? 
_entity_src_gen.expression_system_id               ? 
_entity_src_gen.plasmid_name                       ? 
_entity_src_gen.plasmid_details                    ? 
_entity_src_gen.pdbx_description                   ? 
# 
loop_
_chem_comp.id 
_chem_comp.type 
_chem_comp.mon_nstd_flag 
_chem_comp.name 
_chem_comp.pdbx_synonyms 
_chem_comp.formula 
_chem_comp.formula_weight 
ALA 'L-peptide linking' y ALANINE         ? 'C3 H7 N O2'     89.093  
ARG 'L-peptide linking' y ARGININE        ? 'C6 H15 N4 O2 1' 175.209 
ASN 'L-peptide linking' y ASPARAGINE      ? 'C4 H8 N2 O3'    132.118 
ASP 'L-peptide linking' y 'ASPARTIC ACID' ? 'C4 H7 N O4'     133.103 
CYS 'L-peptide linking' y CYSTEINE        ? 'C3 H7 N O2 S'   121.158 
GLN 'L-peptide linking' y GLUTAMINE       ? 'C5 H10 N2 O3'   146.144 
GLU 'L-peptide linking' y 'GLUTAMIC ACID' ? 'C5 H9 N O4'     147.129 
GLY 'peptide linking'   y GLYCINE         ? 'C2 H5 N O2'     75.067  
HIS 'L-peptide linking' y HISTIDINE       ? 'C6 H10 N3 O2 1' 156.162 
HOH non-polymer         . WATER           ? 'H2 O'           18.015  
ILE 'L-peptide linking' y ISOLEUCINE      ? 'C6 H13 N O2'    131.173 
LEU 'L-peptide linking' y LEUCINE         ? 'C6 H13 N O2'    131.173 
LYS 'L-peptide linking' y LYSINE          ? 'C6 H15 N2 O2 1' 147.195 
MET 'L-peptide linking' y METHIONINE      ? 'C5 H11 N O2 S'  149.211 
PHE 'L-peptide linking' y PHENYLALANINE   ? 'C9 H11 N O2'    165.189 
PRO 'L-peptide linking' y PROLINE         ? 'C5 H9 N O2'     115.130 
SER 'L-peptide linking' y SERINE          ? 'C3 H7 N O3'     105.093 
THR 'L-peptide linking' y THREONINE       ? 'C4 H9 N O3'     119.119 
TYR 'L-peptide linking' y TYROSINE        ? 'C9 H11 N O3'    181.189 
VAL 'L-peptide linking' y VALINE          ? 'C5 H11 N O2'    117.146 
# 
loop_
_pdbx_poly_seq_scheme.asym_id 
_pdbx_poly_seq_scheme.entity_id 
_pdbx_poly_seq_scheme.seq_id 
_pdbx_poly_seq_scheme.mon_id 
_pdbx_poly_seq_scheme.ndb_seq_num 
_pdbx_poly_seq_scheme.pdb_seq_num 
_pdbx_poly_seq_scheme.auth_seq_num 
_pdbx_poly_seq_scheme.pdb_mon_id 
_pdbx_poly_seq_scheme.auth_mon_id 
_pdbx_poly_seq_scheme.pdb_strand_id 
_pdbx_poly_seq_scheme.pdb_ins_code 
_pdbx_poly_seq_scheme.hetero 
A 1 1   MET 1   1   1  MET MET A . n 
A 1 2   LEU 2   2   2  LEU LEU A . n 
A 1 3   PHE 3   3   3  PHE PHE A . n 
A 1 4   GLU 4   4   4  GLU GLU A . n 
A 1 5   GLY 5   5   5  GLY GLY A . n 
A 1 6   ASP 6   6   6  ASP ASP A . n 
A 1 7   LYS 7   7   7  LYS LYS A . n 
A 1 8   PHE 8   8   8  PHE PHE A . n 
A 1 9   VAL 9   9   9  VAL VAL A . n 
A 1 10  GLY 10  10  10 GLY GLY A . n 
A 1 11  SER 11  11  11 SER SER A . n 
A 1 12  PHE 12  12  12 PHE PHE A . n 
A 1 13  GLU 13  13  13 GLU GLU A . n 
A 1 14  ASN 14  14  14 ASN ASN A . n 
A 1 15  ALA 15  15  15 ALA ALA A . n 
A 1 16  ALA 16  16  16 ALA ALA A . n 
A 1 17  ALA 17  17  17 ALA ALA A . n 
A 1 18  GLY 18  18  18 GLY GLY A . n 
A 1 19  THR 19  19  19 THR THR A . n 
A 1 20  PHE 20  20  20 PHE PHE A . n 
A 1 21  VAL 21  21  21 VAL VAL A . n 
A 1 22  LEU 22  22  22 LEU LEU A . n 
A 1 23  ASP 23  23  23 ASP ASP A . n 
A 1 24  MET 24  24  24 MET MET A . n 
A 1 25  TYR 25  25  25 TYR TYR A . n 
A 1 26  ALA 26  26  26 ALA ALA A . n 
A 1 27  TYR 27  27  27 TYR TYR A . n 
A 1 28  GLU 28  28  28 GLU GLU A . n 
A 1 29  ARG 29  29  29 ARG ARG A . n 
A 1 30  LEU 30  30  30 LEU LEU A . n 
A 1 31  ALA 31  31  31 ALA ALA A . n 
A 1 32  ASN 32  32  32 ASN ASN A . n 
A 1 33  SER 33  33  33 SER SER A . n 
A 1 34  ILE 34  34  34 ILE ILE A . n 
A 1 35  SER 35  35  35 SER SER A . n 
A 1 36  THR 36  36  36 THR THR A . n 
A 1 37  GLU 37  37  37 GLU GLU A . n 
A 1 38  LYS 38  38  38 LYS LYS A . n 
A 1 39  LEU 39  39  39 LEU LEU A . n 
A 1 40  ARG 40  40  40 ARG ARG A . n 
A 1 41  GLN 41  41  41 GLN GLN A . n 
A 1 42  TYR 42  42  42 TYR TYR A . n 
A 1 43  ALA 43  43  43 ALA ALA A . n 
A 1 44  SER 44  44  44 SER SER A . n 
A 1 45  THR 45  45  45 THR THR A . n 
A 1 46  TYR 46  46  46 TYR TYR A . n 
A 1 47  ASN 47  47  47 ASN ASN A . n 
A 1 48  LYS 48  48  48 LYS LYS A . n 
A 1 49  TYR 49  49  49 TYR TYR A . n 
A 1 50  LYS 50  50  50 LYS LYS A . n 
A 1 51  TYR 51  51  51 TYR TYR A . n 
A 1 52  TYR 52  52  52 TYR TYR A . n 
A 1 53  SER 53  53  53 SER SER A . n 
A 1 54  GLY 54  54  54 GLY GLY A . n 
A 1 55  SER 55  55  55 SER SER A . n 
A 1 56  ALA 56  56  56 ALA ALA A . n 
A 1 57  SER 57  57  57 SER SER A . n 
A 1 58  GLU 58  58  58 GLU GLU A . n 
A 1 59  ALA 59  59  59 ALA ALA A . n 
A 1 60  ASP 60  60  60 ASP ASP A . n 
A 1 61  TYR 61  61  61 TYR TYR A . n 
A 1 62  ARG 62  62  62 ARG ARG A . n 
A 1 63  LEU 63  63  63 LEU LEU A . n 
A 1 64  ALA 64  64  64 ALA ALA A . n 
A 1 65  CYS 65  65  65 CYS CYS A . n 
A 1 66  PHE 66  66  66 PHE PHE A . n 
A 1 67  ALA 67  67  67 ALA ALA A . n 
A 1 68  HIS 68  68  68 HIS HIS A . n 
A 1 69  LEU 69  69  69 LEU LEU A . n 
A 1 70  ALA 70  70  70 ALA ALA A . n 
A 1 71  LYS 71  71  71 LYS LYS A . n 
A 1 72  ALA 72  72  72 ALA ALA A . n 
A 1 73  MET 73  73  73 MET MET A . n 
A 1 74  MET 74  74  74 MET MET A . n 
A 1 75  ASP 75  75  75 ASP ASP A . n 
A 1 76  TYR 76  76  76 TYR TYR A . n 
A 1 77  ALA 77  77  77 ALA ALA A . n 
A 1 78  SER 78  78  78 SER SER A . n 
A 1 79  ASN 79  79  79 ASN ASN A . n 
A 1 80  HIS 80  80  80 HIS HIS A . n 
A 1 81  ASN 81  81  81 ASN ASN A . n 
A 1 82  ASP 82  82  82 ASP ASP A . n 
A 1 83  THR 83  83  83 THR THR A . n 
A 1 84  LEU 84  84  84 LEU LEU A . n 
A 1 85  TYR 85  85  85 TYR TYR A . n 
A 1 86  THR 86  86  86 THR THR A . n 
A 1 87  PRO 87  87  87 PRO PRO A . n 
A 1 88  PRO 88  88  88 PRO PRO A . n 
A 1 89  THR 89  89  89 THR THR A . n 
A 1 90  VAL 90  90  90 VAL VAL A . n 
A 1 91  SER 91  91  ?  ?   ?   A . n 
A 1 92  TYR 92  92  ?  ?   ?   A . n 
A 1 93  ASN 93  93  ?  ?   ?   A . n 
A 1 94  SER 94  94  ?  ?   ?   A . n 
A 1 95  THR 95  95  ?  ?   ?   A . n 
A 1 96  LEU 96  96  ?  ?   ?   A . n 
A 1 97  GLN 97  97  ?  ?   ?   A . n 
A 1 98  LEU 98  98  ?  ?   ?   A . n 
A 1 99  GLU 99  99  ?  ?   ?   A . n 
A 1 100 HIS 100 100 ?  ?   ?   A . n 
A 1 101 HIS 101 101 ?  ?   ?   A . n 
A 1 102 HIS 102 102 ?  ?   ?   A . n 
A 1 103 HIS 103 103 ?  ?   ?   A . n 
A 1 104 HIS 104 104 ?  ?   ?   A . n 
A 1 105 HIS 105 105 ?  ?   ?   A . n 
A 1 106 HIS 106 106 ?  ?   ?   A . n 
A 1 107 HIS 107 107 ?  ?   ?   A . n 
# 
loop_
_pdbx_nonpoly_scheme.asym_id 
_pdbx_nonpoly_scheme.entity_id 
_pdbx_nonpoly_scheme.mon_id 
_pdbx_nonpoly_scheme.ndb_seq_num 
_pdbx_nonpoly_scheme.pdb_seq_num 
_pdbx_nonpoly_scheme.auth_seq_num 
_pdbx_nonpoly_scheme.pdb_mon_id 
_pdbx_nonpoly_scheme.auth_mon_id 
_pdbx_nonpoly_scheme.pdb_strand_id 
_pdbx_nonpoly_scheme.pdb_ins_code 
B 2 HOH 1  201 10 HOH HOH A . 
B 2 HOH 2  202 16 HOH HOH A . 
B 2 HOH 3  203 33 HOH HOH A . 
B 2 HOH 4  204 21 HOH HOH A . 
B 2 HOH 5  205 4  HOH HOH A . 
B 2 HOH 6  206 9  HOH HOH A . 
B 2 HOH 7  207 19 HOH HOH A . 
B 2 HOH 8  208 32 HOH HOH A . 
B 2 HOH 9  209 1  HOH HOH A . 
B 2 HOH 10 210 31 HOH HOH A . 
B 2 HOH 11 211 7  HOH HOH A . 
B 2 HOH 12 212 5  HOH HOH A . 
B 2 HOH 13 213 8  HOH HOH A . 
B 2 HOH 14 214 6  HOH HOH A . 
B 2 HOH 15 215 22 HOH HOH A . 
B 2 HOH 16 216 24 HOH HOH A . 
B 2 HOH 17 217 23 HOH HOH A . 
B 2 HOH 18 218 25 HOH HOH A . 
B 2 HOH 19 219 11 HOH HOH A . 
B 2 HOH 20 220 12 HOH HOH A . 
B 2 HOH 21 221 2  HOH HOH A . 
B 2 HOH 22 222 30 HOH HOH A . 
B 2 HOH 23 223 17 HOH HOH A . 
B 2 HOH 24 224 18 HOH HOH A . 
B 2 HOH 25 225 13 HOH HOH A . 
B 2 HOH 26 226 36 HOH HOH A . 
B 2 HOH 27 227 3  HOH HOH A . 
B 2 HOH 28 228 14 HOH HOH A . 
B 2 HOH 29 229 38 HOH HOH A . 
B 2 HOH 30 230 28 HOH HOH A . 
B 2 HOH 31 231 35 HOH HOH A . 
B 2 HOH 32 232 20 HOH HOH A . 
B 2 HOH 33 233 34 HOH HOH A . 
B 2 HOH 34 234 26 HOH HOH A . 
B 2 HOH 35 235 29 HOH HOH A . 
B 2 HOH 36 236 37 HOH HOH A . 
B 2 HOH 37 237 15 HOH HOH A . 
# 
loop_
_software.citation_id 
_software.classification 
_software.compiler_name 
_software.compiler_version 
_software.contact_author 
_software.contact_author_email 
_software.date 
_software.description 
_software.dependencies 
_software.hardware 
_software.language 
_software.location 
_software.mods 
_software.name 
_software.os 
_software.os_version 
_software.type 
_software.version 
_software.pdbx_ordinal 
? refinement       ? ? ? ? ? ? ? ? ? ? ? PHENIX  ? ? ? '(1.20.1_4487: ???)' 1 
? 'data scaling'   ? ? ? ? ? ? ? ? ? ? ? Aimless ? ? ? .                    2 
? 'data reduction' ? ? ? ? ? ? ? ? ? ? ? xia2    ? ? ? .                    3 
? phasing          ? ? ? ? ? ? ? ? ? ? ? PHASER  ? ? ? .                    4 
# 
_cell.angle_alpha                  90.00 
_cell.angle_alpha_esd              ? 
_cell.angle_beta                   90.00 
_cell.angle_beta_esd               ? 
_cell.angle_gamma                  120.00 
_cell.angle_gamma_esd              ? 
_cell.entry_id                     8XPI 
_cell.details                      ? 
_cell.formula_units_Z              ? 
_cell.length_a                     58.815 
_cell.length_a_esd                 ? 
_cell.length_b                     58.815 
_cell.length_b_esd                 ? 
_cell.length_c                     52.014 
_cell.length_c_esd                 ? 
_cell.volume                       ? 
_cell.volume_esd                   ? 
_cell.Z_PDB                        6 
_cell.reciprocal_angle_alpha       ? 
_cell.reciprocal_angle_beta        ? 
_cell.reciprocal_angle_gamma       ? 
_cell.reciprocal_angle_alpha_esd   ? 
_cell.reciprocal_angle_beta_esd    ? 
_cell.reciprocal_angle_gamma_esd   ? 
_cell.reciprocal_length_a          ? 
_cell.reciprocal_length_b          ? 
_cell.reciprocal_length_c          ? 
_cell.reciprocal_length_a_esd      ? 
_cell.reciprocal_length_b_esd      ? 
_cell.reciprocal_length_c_esd      ? 
_cell.pdbx_unique_axis             ? 
_cell.pdbx_esd_method              ? 
# 
_symmetry.entry_id                         8XPI 
_symmetry.cell_setting                     ? 
_symmetry.Int_Tables_number                169 
_symmetry.space_group_name_Hall            ? 
_symmetry.space_group_name_H-M             'P 61' 
_symmetry.pdbx_full_space_group_name_H-M   ? 
# 
_exptl.absorpt_coefficient_mu     ? 
_exptl.absorpt_correction_T_max   ? 
_exptl.absorpt_correction_T_min   ? 
_exptl.absorpt_correction_type    ? 
_exptl.absorpt_process_details    ? 
_exptl.entry_id                   8XPI 
_exptl.crystals_number            1 
_exptl.details                    ? 
_exptl.method                     'X-RAY DIFFRACTION' 
_exptl.method_details             ? 
# 
_exptl_crystal.colour                       ? 
_exptl_crystal.density_diffrn               ? 
_exptl_crystal.density_Matthews             2.11 
_exptl_crystal.density_method               ? 
_exptl_crystal.density_percent_sol          41.65 
_exptl_crystal.description                  ? 
_exptl_crystal.F_000                        ? 
_exptl_crystal.id                           1 
_exptl_crystal.preparation                  ? 
_exptl_crystal.size_max                     ? 
_exptl_crystal.size_mid                     ? 
_exptl_crystal.size_min                     ? 
_exptl_crystal.size_rad                     ? 
_exptl_crystal.colour_lustre                ? 
_exptl_crystal.colour_modifier              ? 
_exptl_crystal.colour_primary               ? 
_exptl_crystal.density_meas                 ? 
_exptl_crystal.density_meas_esd             ? 
_exptl_crystal.density_meas_gt              ? 
_exptl_crystal.density_meas_lt              ? 
_exptl_crystal.density_meas_temp            ? 
_exptl_crystal.density_meas_temp_esd        ? 
_exptl_crystal.density_meas_temp_gt         ? 
_exptl_crystal.density_meas_temp_lt         ? 
_exptl_crystal.pdbx_crystal_image_url       ? 
_exptl_crystal.pdbx_crystal_image_format    ? 
_exptl_crystal.pdbx_mosaicity               ? 
_exptl_crystal.pdbx_mosaicity_esd           ? 
_exptl_crystal.pdbx_mosaic_method           ? 
_exptl_crystal.pdbx_mosaic_block_size       ? 
_exptl_crystal.pdbx_mosaic_block_size_esd   ? 
# 
_exptl_crystal_grow.apparatus       ? 
_exptl_crystal_grow.atmosphere      ? 
_exptl_crystal_grow.crystal_id      1 
_exptl_crystal_grow.details         ? 
_exptl_crystal_grow.method          'VAPOR DIFFUSION, SITTING DROP' 
_exptl_crystal_grow.method_ref      ? 
_exptl_crystal_grow.pH              7.0 
_exptl_crystal_grow.pressure        ? 
_exptl_crystal_grow.pressure_esd    ? 
_exptl_crystal_grow.seeding         ? 
_exptl_crystal_grow.seeding_ref     ? 
_exptl_crystal_grow.temp_details    ? 
_exptl_crystal_grow.temp_esd        ? 
_exptl_crystal_grow.time            ? 
_exptl_crystal_grow.pdbx_details    '800 mM Succinic acid pH 7.0' 
_exptl_crystal_grow.pdbx_pH_range   ? 
_exptl_crystal_grow.temp            293 
# 
_diffrn.ambient_environment              ? 
_diffrn.ambient_temp                     100 
_diffrn.ambient_temp_details             ? 
_diffrn.ambient_temp_esd                 ? 
_diffrn.crystal_id                       1 
_diffrn.crystal_support                  ? 
_diffrn.crystal_treatment                ? 
_diffrn.details                          ? 
_diffrn.id                               1 
_diffrn.ambient_pressure                 ? 
_diffrn.ambient_pressure_esd             ? 
_diffrn.ambient_pressure_gt              ? 
_diffrn.ambient_pressure_lt              ? 
_diffrn.ambient_temp_gt                  ? 
_diffrn.ambient_temp_lt                  ? 
_diffrn.pdbx_serial_crystal_experiment   N 
# 
_diffrn_detector.details                      ? 
_diffrn_detector.detector                     PIXEL 
_diffrn_detector.diffrn_id                    1 
_diffrn_detector.type                         'DECTRIS EIGER2 S 9M' 
_diffrn_detector.area_resol_mean              ? 
_diffrn_detector.dtime                        ? 
_diffrn_detector.pdbx_frames_total            ? 
_diffrn_detector.pdbx_collection_time_total   ? 
_diffrn_detector.pdbx_collection_date         2023-12-14 
_diffrn_detector.pdbx_frequency               ? 
_diffrn_detector.id                           ? 
_diffrn_detector.number_of_axes               ? 
# 
_diffrn_radiation.collimation                      ? 
_diffrn_radiation.diffrn_id                        1 
_diffrn_radiation.filter_edge                      ? 
_diffrn_radiation.inhomogeneity                    ? 
_diffrn_radiation.monochromator                    ? 
_diffrn_radiation.polarisn_norm                    ? 
_diffrn_radiation.polarisn_ratio                   ? 
_diffrn_radiation.probe                            ? 
_diffrn_radiation.type                             ? 
_diffrn_radiation.xray_symbol                      ? 
_diffrn_radiation.wavelength_id                    1 
_diffrn_radiation.pdbx_monochromatic_or_laue_m_l   M 
_diffrn_radiation.pdbx_wavelength_list             ? 
_diffrn_radiation.pdbx_wavelength                  ? 
_diffrn_radiation.pdbx_diffrn_protocol             'SINGLE WAVELENGTH' 
_diffrn_radiation.pdbx_analyzer                    ? 
_diffrn_radiation.pdbx_scattering_type             x-ray 
# 
_diffrn_radiation_wavelength.id           1 
_diffrn_radiation_wavelength.wavelength   0.97918 
_diffrn_radiation_wavelength.wt           1.0 
# 
_diffrn_source.current                     ? 
_diffrn_source.details                     ? 
_diffrn_source.diffrn_id                   1 
_diffrn_source.power                       ? 
_diffrn_source.size                        ? 
_diffrn_source.source                      SYNCHROTRON 
_diffrn_source.target                      ? 
_diffrn_source.type                        'SSRF BEAMLINE BL02U1' 
_diffrn_source.voltage                     ? 
_diffrn_source.take-off_angle              ? 
_diffrn_source.pdbx_wavelength_list        0.97918 
_diffrn_source.pdbx_wavelength             ? 
_diffrn_source.pdbx_synchrotron_beamline   BL02U1 
_diffrn_source.pdbx_synchrotron_site       SSRF 
# 
_reflns.B_iso_Wilson_estimate                          ? 
_reflns.entry_id                                       8XPI 
_reflns.data_reduction_details                         ? 
_reflns.data_reduction_method                          ? 
_reflns.d_resolution_high                              1.84 
_reflns.d_resolution_low                               50.94 
_reflns.details                                        ? 
_reflns.limit_h_max                                    ? 
_reflns.limit_h_min                                    ? 
_reflns.limit_k_max                                    ? 
_reflns.limit_k_min                                    ? 
_reflns.limit_l_max                                    ? 
_reflns.limit_l_min                                    ? 
_reflns.number_all                                     ? 
_reflns.number_obs                                     9006 
_reflns.observed_criterion                             ? 
_reflns.observed_criterion_F_max                       ? 
_reflns.observed_criterion_F_min                       ? 
_reflns.observed_criterion_I_max                       ? 
_reflns.observed_criterion_I_min                       ? 
_reflns.observed_criterion_sigma_F                     ? 
_reflns.observed_criterion_sigma_I                     ? 
_reflns.percent_possible_obs                           99.9 
_reflns.R_free_details                                 ? 
_reflns.Rmerge_F_all                                   ? 
_reflns.Rmerge_F_obs                                   ? 
_reflns.Friedel_coverage                               ? 
_reflns.number_gt                                      ? 
_reflns.threshold_expression                           ? 
_reflns.pdbx_redundancy                                17.0 
_reflns.pdbx_netI_over_av_sigmaI                       ? 
_reflns.pdbx_netI_over_sigmaI                          21.000 
_reflns.pdbx_res_netI_over_av_sigmaI_2                 ? 
_reflns.pdbx_res_netI_over_sigmaI_2                    ? 
_reflns.pdbx_chi_squared                               ? 
_reflns.pdbx_scaling_rejects                           ? 
_reflns.pdbx_d_res_high_opt                            ? 
_reflns.pdbx_d_res_low_opt                             ? 
_reflns.pdbx_d_res_opt_method                          ? 
_reflns.phase_calculation_details                      ? 
_reflns.pdbx_Rrim_I_all                                ? 
_reflns.pdbx_Rpim_I_all                                ? 
_reflns.pdbx_d_opt                                     ? 
_reflns.pdbx_number_measured_all                       ? 
_reflns.pdbx_diffrn_id                                 1 
_reflns.pdbx_ordinal                                   1 
_reflns.pdbx_CC_half                                   ? 
_reflns.pdbx_CC_star                                   ? 
_reflns.pdbx_R_split                                   ? 
_reflns.pdbx_Rmerge_I_obs                              0.065 
_reflns.pdbx_Rmerge_I_all                              ? 
_reflns.pdbx_Rsym_value                                ? 
_reflns.pdbx_CC_split_method                           ? 
_reflns.pdbx_aniso_diffraction_limit_axis_1_ortho[1]   ? 
_reflns.pdbx_aniso_diffraction_limit_axis_1_ortho[2]   ? 
_reflns.pdbx_aniso_diffraction_limit_axis_1_ortho[3]   ? 
_reflns.pdbx_aniso_diffraction_limit_axis_2_ortho[1]   ? 
_reflns.pdbx_aniso_diffraction_limit_axis_2_ortho[2]   ? 
_reflns.pdbx_aniso_diffraction_limit_axis_2_ortho[3]   ? 
_reflns.pdbx_aniso_diffraction_limit_axis_3_ortho[1]   ? 
_reflns.pdbx_aniso_diffraction_limit_axis_3_ortho[2]   ? 
_reflns.pdbx_aniso_diffraction_limit_axis_3_ortho[3]   ? 
_reflns.pdbx_aniso_diffraction_limit_1                 ? 
_reflns.pdbx_aniso_diffraction_limit_2                 ? 
_reflns.pdbx_aniso_diffraction_limit_3                 ? 
_reflns.pdbx_aniso_B_tensor_eigenvector_1_ortho[1]     ? 
_reflns.pdbx_aniso_B_tensor_eigenvector_1_ortho[2]     ? 
_reflns.pdbx_aniso_B_tensor_eigenvector_1_ortho[3]     ? 
_reflns.pdbx_aniso_B_tensor_eigenvector_2_ortho[1]     ? 
_reflns.pdbx_aniso_B_tensor_eigenvector_2_ortho[2]     ? 
_reflns.pdbx_aniso_B_tensor_eigenvector_2_ortho[3]     ? 
_reflns.pdbx_aniso_B_tensor_eigenvector_3_ortho[1]     ? 
_reflns.pdbx_aniso_B_tensor_eigenvector_3_ortho[2]     ? 
_reflns.pdbx_aniso_B_tensor_eigenvector_3_ortho[3]     ? 
_reflns.pdbx_aniso_B_tensor_eigenvalue_1               ? 
_reflns.pdbx_aniso_B_tensor_eigenvalue_2               ? 
_reflns.pdbx_aniso_B_tensor_eigenvalue_3               ? 
_reflns.pdbx_orthogonalization_convention              ? 
_reflns.pdbx_percent_possible_ellipsoidal              ? 
_reflns.pdbx_percent_possible_spherical                ? 
_reflns.pdbx_percent_possible_ellipsoidal_anomalous    ? 
_reflns.pdbx_percent_possible_spherical_anomalous      ? 
_reflns.pdbx_redundancy_anomalous                      ? 
_reflns.pdbx_CC_half_anomalous                         ? 
_reflns.pdbx_absDiff_over_sigma_anomalous              ? 
_reflns.pdbx_percent_possible_anomalous                ? 
_reflns.pdbx_observed_signal_threshold                 ? 
_reflns.pdbx_signal_type                               ? 
_reflns.pdbx_signal_details                            ? 
_reflns.pdbx_signal_software_id                        ? 
# 
_reflns_shell.d_res_high                                    1.84 
_reflns_shell.d_res_low                                     1.94 
_reflns_shell.meanI_over_sigI_all                           ? 
_reflns_shell.meanI_over_sigI_obs                           ? 
_reflns_shell.number_measured_all                           ? 
_reflns_shell.number_measured_obs                           ? 
_reflns_shell.number_possible                               ? 
_reflns_shell.number_unique_all                             ? 
_reflns_shell.number_unique_obs                             1281 
_reflns_shell.percent_possible_obs                          ? 
_reflns_shell.Rmerge_F_all                                  ? 
_reflns_shell.Rmerge_F_obs                                  ? 
_reflns_shell.meanI_over_sigI_gt                            ? 
_reflns_shell.meanI_over_uI_all                             ? 
_reflns_shell.meanI_over_uI_gt                              ? 
_reflns_shell.number_measured_gt                            ? 
_reflns_shell.number_unique_gt                              ? 
_reflns_shell.percent_possible_gt                           ? 
_reflns_shell.Rmerge_F_gt                                   ? 
_reflns_shell.Rmerge_I_gt                                   ? 
_reflns_shell.pdbx_redundancy                               ? 
_reflns_shell.pdbx_chi_squared                              ? 
_reflns_shell.pdbx_netI_over_sigmaI_all                     ? 
_reflns_shell.pdbx_netI_over_sigmaI_obs                     ? 
_reflns_shell.pdbx_Rrim_I_all                               ? 
_reflns_shell.pdbx_Rpim_I_all                               ? 
_reflns_shell.pdbx_rejects                                  ? 
_reflns_shell.pdbx_ordinal                                  1 
_reflns_shell.pdbx_diffrn_id                                1 
_reflns_shell.pdbx_CC_half                                  ? 
_reflns_shell.pdbx_CC_star                                  ? 
_reflns_shell.pdbx_R_split                                  ? 
_reflns_shell.percent_possible_all                          ? 
_reflns_shell.Rmerge_I_all                                  ? 
_reflns_shell.Rmerge_I_obs                                  1.220 
_reflns_shell.pdbx_Rsym_value                               ? 
_reflns_shell.pdbx_percent_possible_ellipsoidal             ? 
_reflns_shell.pdbx_percent_possible_spherical               ? 
_reflns_shell.pdbx_percent_possible_ellipsoidal_anomalous   ? 
_reflns_shell.pdbx_percent_possible_spherical_anomalous     ? 
_reflns_shell.pdbx_redundancy_anomalous                     ? 
_reflns_shell.pdbx_CC_half_anomalous                        ? 
_reflns_shell.pdbx_absDiff_over_sigma_anomalous             ? 
_reflns_shell.pdbx_percent_possible_anomalous               ? 
# 
_refine.aniso_B[1][1]                            ? 
_refine.aniso_B[1][2]                            ? 
_refine.aniso_B[1][3]                            ? 
_refine.aniso_B[2][2]                            ? 
_refine.aniso_B[2][3]                            ? 
_refine.aniso_B[3][3]                            ? 
_refine.B_iso_max                                ? 
_refine.B_iso_mean                               ? 
_refine.B_iso_min                                ? 
_refine.correlation_coeff_Fo_to_Fc               ? 
_refine.correlation_coeff_Fo_to_Fc_free          ? 
_refine.details                                  ? 
_refine.diff_density_max                         ? 
_refine.diff_density_max_esd                     ? 
_refine.diff_density_min                         ? 
_refine.diff_density_min_esd                     ? 
_refine.diff_density_rms                         ? 
_refine.diff_density_rms_esd                     ? 
_refine.entry_id                                 8XPI 
_refine.pdbx_refine_id                           'X-RAY DIFFRACTION' 
_refine.ls_abs_structure_details                 ? 
_refine.ls_abs_structure_Flack                   ? 
_refine.ls_abs_structure_Flack_esd               ? 
_refine.ls_abs_structure_Rogers                  ? 
_refine.ls_abs_structure_Rogers_esd              ? 
_refine.ls_d_res_high                            1.84 
_refine.ls_d_res_low                             29.41 
_refine.ls_extinction_coef                       ? 
_refine.ls_extinction_coef_esd                   ? 
_refine.ls_extinction_expression                 ? 
_refine.ls_extinction_method                     ? 
_refine.ls_goodness_of_fit_all                   ? 
_refine.ls_goodness_of_fit_all_esd               ? 
_refine.ls_goodness_of_fit_obs                   ? 
_refine.ls_goodness_of_fit_obs_esd               ? 
_refine.ls_hydrogen_treatment                    ? 
_refine.ls_matrix_type                           ? 
_refine.ls_number_constraints                    ? 
_refine.ls_number_parameters                     ? 
_refine.ls_number_reflns_all                     ? 
_refine.ls_number_reflns_obs                     8941 
_refine.ls_number_reflns_R_free                  455 
_refine.ls_number_reflns_R_work                  ? 
_refine.ls_number_restraints                     ? 
_refine.ls_percent_reflns_obs                    99.38 
_refine.ls_percent_reflns_R_free                 5.09 
_refine.ls_R_factor_all                          ? 
_refine.ls_R_factor_obs                          0.2033 
_refine.ls_R_factor_R_free                       0.2451 
_refine.ls_R_factor_R_free_error                 ? 
_refine.ls_R_factor_R_free_error_details         ? 
_refine.ls_R_factor_R_work                       0.2012 
_refine.ls_R_Fsqd_factor_obs                     ? 
_refine.ls_R_I_factor_obs                        ? 
_refine.ls_redundancy_reflns_all                 ? 
_refine.ls_redundancy_reflns_obs                 ? 
_refine.ls_restrained_S_all                      ? 
_refine.ls_restrained_S_obs                      ? 
_refine.ls_shift_over_esd_max                    ? 
_refine.ls_shift_over_esd_mean                   ? 
_refine.ls_structure_factor_coef                 ? 
_refine.ls_weighting_details                     ? 
_refine.ls_weighting_scheme                      ? 
_refine.ls_wR_factor_all                         ? 
_refine.ls_wR_factor_obs                         ? 
_refine.ls_wR_factor_R_free                      ? 
_refine.ls_wR_factor_R_work                      ? 
_refine.occupancy_max                            ? 
_refine.occupancy_min                            ? 
_refine.solvent_model_details                    'FLAT BULK SOLVENT MODEL' 
_refine.solvent_model_param_bsol                 ? 
_refine.solvent_model_param_ksol                 ? 
_refine.pdbx_R_complete                          ? 
_refine.ls_R_factor_gt                           ? 
_refine.ls_goodness_of_fit_gt                    ? 
_refine.ls_goodness_of_fit_ref                   ? 
_refine.ls_shift_over_su_max                     ? 
_refine.ls_shift_over_su_max_lt                  ? 
_refine.ls_shift_over_su_mean                    ? 
_refine.ls_shift_over_su_mean_lt                 ? 
_refine.pdbx_ls_sigma_I                          ? 
_refine.pdbx_ls_sigma_F                          1.34 
_refine.pdbx_ls_sigma_Fsqd                       ? 
_refine.pdbx_data_cutoff_high_absF               ? 
_refine.pdbx_data_cutoff_high_rms_absF           ? 
_refine.pdbx_data_cutoff_low_absF                ? 
_refine.pdbx_isotropic_thermal_model             ? 
_refine.pdbx_ls_cross_valid_method               THROUGHOUT 
_refine.pdbx_method_to_determine_struct          SAD 
_refine.pdbx_starting_model                      ? 
_refine.pdbx_stereochemistry_target_values       ML 
_refine.pdbx_R_Free_selection_details            ? 
_refine.pdbx_stereochem_target_val_spec_case     ? 
_refine.pdbx_overall_ESU_R                       ? 
_refine.pdbx_overall_ESU_R_Free                  ? 
_refine.pdbx_solvent_vdw_probe_radii             1.10 
_refine.pdbx_solvent_ion_probe_radii             ? 
_refine.pdbx_solvent_shrinkage_radii             0.90 
_refine.pdbx_real_space_R                        ? 
_refine.pdbx_density_correlation                 ? 
_refine.pdbx_pd_number_of_powder_patterns        ? 
_refine.pdbx_pd_number_of_points                 ? 
_refine.pdbx_pd_meas_number_of_points            ? 
_refine.pdbx_pd_proc_ls_prof_R_factor            ? 
_refine.pdbx_pd_proc_ls_prof_wR_factor           ? 
_refine.pdbx_pd_Marquardt_correlation_coeff      ? 
_refine.pdbx_pd_Fsqrd_R_factor                   ? 
_refine.pdbx_pd_ls_matrix_band_width             ? 
_refine.pdbx_overall_phase_error                 31.21 
_refine.pdbx_overall_SU_R_free_Cruickshank_DPI   ? 
_refine.pdbx_overall_SU_R_free_Blow_DPI          ? 
_refine.pdbx_overall_SU_R_Blow_DPI               ? 
_refine.pdbx_TLS_residual_ADP_flag               ? 
_refine.pdbx_diffrn_id                           1 
_refine.overall_SU_B                             ? 
_refine.overall_SU_ML                            0.19 
_refine.overall_SU_R_Cruickshank_DPI             ? 
_refine.overall_SU_R_free                        ? 
_refine.overall_FOM_free_R_set                   ? 
_refine.overall_FOM_work_R_set                   ? 
_refine.pdbx_average_fsc_overall                 ? 
_refine.pdbx_average_fsc_work                    ? 
_refine.pdbx_average_fsc_free                    ? 
# 
_refine_hist.pdbx_refine_id                   'X-RAY DIFFRACTION' 
_refine_hist.cycle_id                         LAST 
_refine_hist.details                          ? 
_refine_hist.d_res_high                       1.84 
_refine_hist.d_res_low                        29.41 
_refine_hist.number_atoms_solvent             37 
_refine_hist.number_atoms_total               752 
_refine_hist.number_reflns_all                ? 
_refine_hist.number_reflns_obs                ? 
_refine_hist.number_reflns_R_free             ? 
_refine_hist.number_reflns_R_work             ? 
_refine_hist.R_factor_all                     ? 
_refine_hist.R_factor_obs                     ? 
_refine_hist.R_factor_R_free                  ? 
_refine_hist.R_factor_R_work                  ? 
_refine_hist.pdbx_number_residues_total       ? 
_refine_hist.pdbx_B_iso_mean_ligand           ? 
_refine_hist.pdbx_B_iso_mean_solvent          ? 
_refine_hist.pdbx_number_atoms_protein        715 
_refine_hist.pdbx_number_atoms_nucleic_acid   0 
_refine_hist.pdbx_number_atoms_ligand         0 
_refine_hist.pdbx_number_atoms_lipid          ? 
_refine_hist.pdbx_number_atoms_carb           ? 
_refine_hist.pdbx_pseudo_atom_details         ? 
# 
loop_
_refine_ls_restr.pdbx_refine_id 
_refine_ls_restr.criterion 
_refine_ls_restr.dev_ideal 
_refine_ls_restr.dev_ideal_target 
_refine_ls_restr.number 
_refine_ls_restr.rejects 
_refine_ls_restr.type 
_refine_ls_restr.weight 
_refine_ls_restr.pdbx_restraint_function 
'X-RAY DIFFRACTION' ? 0.010  ? 4914 ? f_bond_d           ? ? 
'X-RAY DIFFRACTION' ? 1.341  ? 5502 ? f_angle_d          ? ? 
'X-RAY DIFFRACTION' ? 16.780 ? 260  ? f_dihedral_angle_d ? ? 
'X-RAY DIFFRACTION' ? 0.057  ? 104  ? f_chiral_restr     ? ? 
'X-RAY DIFFRACTION' ? 0.013  ? 128  ? f_plane_restr      ? ? 
# 
loop_
_refine_ls_shell.pdbx_refine_id 
_refine_ls_shell.d_res_high 
_refine_ls_shell.d_res_low 
_refine_ls_shell.number_reflns_all 
_refine_ls_shell.number_reflns_obs 
_refine_ls_shell.number_reflns_R_free 
_refine_ls_shell.number_reflns_R_work 
_refine_ls_shell.percent_reflns_obs 
_refine_ls_shell.percent_reflns_R_free 
_refine_ls_shell.R_factor_all 
_refine_ls_shell.R_factor_obs 
_refine_ls_shell.R_factor_R_free_error 
_refine_ls_shell.R_factor_R_work 
_refine_ls_shell.redundancy_reflns_all 
_refine_ls_shell.redundancy_reflns_obs 
_refine_ls_shell.wR_factor_all 
_refine_ls_shell.wR_factor_obs 
_refine_ls_shell.wR_factor_R_free 
_refine_ls_shell.wR_factor_R_work 
_refine_ls_shell.pdbx_R_complete 
_refine_ls_shell.pdbx_total_number_of_bins_used 
_refine_ls_shell.pdbx_phase_error 
_refine_ls_shell.pdbx_fsc_work 
_refine_ls_shell.pdbx_fsc_free 
_refine_ls_shell.R_factor_R_free 
'X-RAY DIFFRACTION' 1.84 2.10 . . 112 2813 98.00  . . . . 0.2661 . . . . . . . . . . . 0.3057 
'X-RAY DIFFRACTION' 2.10 2.65 . . 201 2780 100.00 . . . . 0.2340 . . . . . . . . . . . 0.2569 
'X-RAY DIFFRACTION' 2.65 2.89 . . 142 2893 100.00 . . . . 0.1824 . . . . . . . . . . . 0.2319 
# 
_struct.entry_id                     8XPI 
_struct.title                        'Structure of the C-terminal domain of nsp4 from PEDV' 
_struct.pdbx_model_details           ? 
_struct.pdbx_formula_weight          ? 
_struct.pdbx_formula_weight_method   ? 
_struct.pdbx_model_type_details      ? 
_struct.pdbx_CASP_flag               N 
# 
_struct_keywords.entry_id        8XPI 
_struct_keywords.text            'Coronavirus, PEDV, nsp4, VIRAL PROTEIN' 
_struct_keywords.pdbx_keywords   'VIRAL PROTEIN' 
# 
loop_
_struct_asym.id 
_struct_asym.pdbx_blank_PDB_chainid_flag 
_struct_asym.pdbx_modified 
_struct_asym.entity_id 
_struct_asym.details 
A N N 1 ? 
B N N 2 ? 
# 
_struct_ref.id                         1 
_struct_ref.db_name                    UNP 
_struct_ref.db_code                    A0A0P0TE07_9ALPC 
_struct_ref.pdbx_db_accession          A0A0P0TE07 
_struct_ref.pdbx_db_isoform            ? 
_struct_ref.entity_id                  1 
_struct_ref.pdbx_seq_one_letter_code   
;LFEGDKFVGSFENAAAGTFVLDMYAYERLANSISTEKLRQYASTYNKYKYYSGSASEADYRLACFAHLAKAMMDYASNHN
DTLYTPPTVSYNSTLQ
;
_struct_ref.pdbx_align_begin           2902 
# 
_struct_ref_seq.align_id                      1 
_struct_ref_seq.ref_id                        1 
_struct_ref_seq.pdbx_PDB_id_code              8XPI 
_struct_ref_seq.pdbx_strand_id                A 
_struct_ref_seq.seq_align_beg                 2 
_struct_ref_seq.pdbx_seq_align_beg_ins_code   ? 
_struct_ref_seq.seq_align_end                 97 
_struct_ref_seq.pdbx_seq_align_end_ins_code   ? 
_struct_ref_seq.pdbx_db_accession             A0A0P0TE07 
_struct_ref_seq.db_align_beg                  2902 
_struct_ref_seq.pdbx_db_align_beg_ins_code    ? 
_struct_ref_seq.db_align_end                  2997 
_struct_ref_seq.pdbx_db_align_end_ins_code    ? 
_struct_ref_seq.pdbx_auth_seq_align_beg       2 
_struct_ref_seq.pdbx_auth_seq_align_end       97 
# 
loop_
_struct_ref_seq_dif.align_id 
_struct_ref_seq_dif.pdbx_pdb_id_code 
_struct_ref_seq_dif.mon_id 
_struct_ref_seq_dif.pdbx_pdb_strand_id 
_struct_ref_seq_dif.seq_num 
_struct_ref_seq_dif.pdbx_pdb_ins_code 
_struct_ref_seq_dif.pdbx_seq_db_name 
_struct_ref_seq_dif.pdbx_seq_db_accession_code 
_struct_ref_seq_dif.db_mon_id 
_struct_ref_seq_dif.pdbx_seq_db_seq_num 
_struct_ref_seq_dif.details 
_struct_ref_seq_dif.pdbx_auth_seq_num 
_struct_ref_seq_dif.pdbx_ordinal 
1 8XPI MET A 1   ? UNP A0A0P0TE07 ? ? 'initiating methionine' 1   1  
1 8XPI LEU A 98  ? UNP A0A0P0TE07 ? ? 'expression tag'        98  2  
1 8XPI GLU A 99  ? UNP A0A0P0TE07 ? ? 'expression tag'        99  3  
1 8XPI HIS A 100 ? UNP A0A0P0TE07 ? ? 'expression tag'        100 4  
1 8XPI HIS A 101 ? UNP A0A0P0TE07 ? ? 'expression tag'        101 5  
1 8XPI HIS A 102 ? UNP A0A0P0TE07 ? ? 'expression tag'        102 6  
1 8XPI HIS A 103 ? UNP A0A0P0TE07 ? ? 'expression tag'        103 7  
1 8XPI HIS A 104 ? UNP A0A0P0TE07 ? ? 'expression tag'        104 8  
1 8XPI HIS A 105 ? UNP A0A0P0TE07 ? ? 'expression tag'        105 9  
1 8XPI HIS A 106 ? UNP A0A0P0TE07 ? ? 'expression tag'        106 10 
1 8XPI HIS A 107 ? UNP A0A0P0TE07 ? ? 'expression tag'        107 11 
# 
_pdbx_struct_assembly.id                   1 
_pdbx_struct_assembly.details              author_defined_assembly 
_pdbx_struct_assembly.method_details       ? 
_pdbx_struct_assembly.oligomeric_details   monomeric 
_pdbx_struct_assembly.oligomeric_count     1 
# 
_pdbx_struct_assembly_gen.assembly_id       1 
_pdbx_struct_assembly_gen.oper_expression   1 
_pdbx_struct_assembly_gen.asym_id_list      A,B 
# 
_pdbx_struct_assembly_auth_evidence.id                     1 
_pdbx_struct_assembly_auth_evidence.assembly_id            1 
_pdbx_struct_assembly_auth_evidence.experimental_support   'gel filtration' 
_pdbx_struct_assembly_auth_evidence.details                ? 
# 
_pdbx_struct_oper_list.id                   1 
_pdbx_struct_oper_list.type                 'identity operation' 
_pdbx_struct_oper_list.name                 1_555 
_pdbx_struct_oper_list.symmetry_operation   x,y,z 
_pdbx_struct_oper_list.matrix[1][1]         1.0000000000 
_pdbx_struct_oper_list.matrix[1][2]         0.0000000000 
_pdbx_struct_oper_list.matrix[1][3]         0.0000000000 
_pdbx_struct_oper_list.vector[1]            0.0000000000 
_pdbx_struct_oper_list.matrix[2][1]         0.0000000000 
_pdbx_struct_oper_list.matrix[2][2]         1.0000000000 
_pdbx_struct_oper_list.matrix[2][3]         0.0000000000 
_pdbx_struct_oper_list.vector[2]            0.0000000000 
_pdbx_struct_oper_list.matrix[3][1]         0.0000000000 
_pdbx_struct_oper_list.matrix[3][2]         0.0000000000 
_pdbx_struct_oper_list.matrix[3][3]         1.0000000000 
_pdbx_struct_oper_list.vector[3]            0.0000000000 
# 
loop_
_struct_conf.conf_type_id 
_struct_conf.id 
_struct_conf.pdbx_PDB_helix_id 
_struct_conf.beg_label_comp_id 
_struct_conf.beg_label_asym_id 
_struct_conf.beg_label_seq_id 
_struct_conf.pdbx_beg_PDB_ins_code 
_struct_conf.end_label_comp_id 
_struct_conf.end_label_asym_id 
_struct_conf.end_label_seq_id 
_struct_conf.pdbx_end_PDB_ins_code 
_struct_conf.beg_auth_comp_id 
_struct_conf.beg_auth_asym_id 
_struct_conf.beg_auth_seq_id 
_struct_conf.end_auth_comp_id 
_struct_conf.end_auth_asym_id 
_struct_conf.end_auth_seq_id 
_struct_conf.pdbx_PDB_helix_class 
_struct_conf.details 
_struct_conf.pdbx_PDB_helix_length 
HELX_P HELX_P1 AA1 SER A 11 ? ALA A 16 ? SER A 11 ALA A 16 1 ? 6  
HELX_P HELX_P2 AA2 ASP A 23 ? ASN A 32 ? ASP A 23 ASN A 32 1 ? 10 
HELX_P HELX_P3 AA3 SER A 35 ? THR A 45 ? SER A 35 THR A 45 1 ? 11 
HELX_P HELX_P4 AA4 THR A 45 ? LYS A 50 ? THR A 45 LYS A 50 1 ? 6  
HELX_P HELX_P5 AA5 ASP A 60 ? HIS A 80 ? ASP A 60 HIS A 80 1 ? 21 
# 
_struct_conf_type.id          HELX_P 
_struct_conf_type.criteria    ? 
_struct_conf_type.reference   ? 
# 
_struct_sheet.id               AA1 
_struct_sheet.type             ? 
_struct_sheet.number_strands   2 
_struct_sheet.details          ? 
# 
_struct_sheet_order.sheet_id     AA1 
_struct_sheet_order.range_id_1   1 
_struct_sheet_order.range_id_2   2 
_struct_sheet_order.offset       ? 
_struct_sheet_order.sense        anti-parallel 
# 
loop_
_struct_sheet_range.sheet_id 
_struct_sheet_range.id 
_struct_sheet_range.beg_label_comp_id 
_struct_sheet_range.beg_label_asym_id 
_struct_sheet_range.beg_label_seq_id 
_struct_sheet_range.pdbx_beg_PDB_ins_code 
_struct_sheet_range.end_label_comp_id 
_struct_sheet_range.end_label_asym_id 
_struct_sheet_range.end_label_seq_id 
_struct_sheet_range.pdbx_end_PDB_ins_code 
_struct_sheet_range.beg_auth_comp_id 
_struct_sheet_range.beg_auth_asym_id 
_struct_sheet_range.beg_auth_seq_id 
_struct_sheet_range.end_auth_comp_id 
_struct_sheet_range.end_auth_asym_id 
_struct_sheet_range.end_auth_seq_id 
AA1 1 PHE A 20 ? LEU A 22 ? PHE A 20 LEU A 22 
AA1 2 THR A 83 ? TYR A 85 ? THR A 83 TYR A 85 
# 
_pdbx_struct_sheet_hbond.sheet_id                AA1 
_pdbx_struct_sheet_hbond.range_id_1              1 
_pdbx_struct_sheet_hbond.range_id_2              2 
_pdbx_struct_sheet_hbond.range_1_label_atom_id   N 
_pdbx_struct_sheet_hbond.range_1_label_comp_id   LEU 
_pdbx_struct_sheet_hbond.range_1_label_asym_id   A 
_pdbx_struct_sheet_hbond.range_1_label_seq_id    22 
_pdbx_struct_sheet_hbond.range_1_PDB_ins_code    ? 
_pdbx_struct_sheet_hbond.range_1_auth_atom_id    N 
_pdbx_struct_sheet_hbond.range_1_auth_comp_id    LEU 
_pdbx_struct_sheet_hbond.range_1_auth_asym_id    A 
_pdbx_struct_sheet_hbond.range_1_auth_seq_id     22 
_pdbx_struct_sheet_hbond.range_2_label_atom_id   O 
_pdbx_struct_sheet_hbond.range_2_label_comp_id   THR 
_pdbx_struct_sheet_hbond.range_2_label_asym_id   A 
_pdbx_struct_sheet_hbond.range_2_label_seq_id    83 
_pdbx_struct_sheet_hbond.range_2_PDB_ins_code    ? 
_pdbx_struct_sheet_hbond.range_2_auth_atom_id    O 
_pdbx_struct_sheet_hbond.range_2_auth_comp_id    THR 
_pdbx_struct_sheet_hbond.range_2_auth_asym_id    A 
_pdbx_struct_sheet_hbond.range_2_auth_seq_id     83 
# 
_pdbx_entry_details.entry_id                   8XPI 
_pdbx_entry_details.compound_details           ? 
_pdbx_entry_details.source_details             ? 
_pdbx_entry_details.nonpolymer_details         ? 
_pdbx_entry_details.sequence_details           ? 
_pdbx_entry_details.has_ligand_of_interest     ? 
_pdbx_entry_details.has_protein_modification   N 
# 
loop_
_pdbx_validate_torsion.id 
_pdbx_validate_torsion.PDB_model_num 
_pdbx_validate_torsion.auth_comp_id 
_pdbx_validate_torsion.auth_asym_id 
_pdbx_validate_torsion.auth_seq_id 
_pdbx_validate_torsion.PDB_ins_code 
_pdbx_validate_torsion.label_alt_id 
_pdbx_validate_torsion.phi 
_pdbx_validate_torsion.psi 
1 1 SER A 53 ? ? -140.48 -5.43  
2 1 PRO A 88 ? ? -38.70  120.96 
# 
loop_
_pdbx_unobs_or_zero_occ_residues.id 
_pdbx_unobs_or_zero_occ_residues.PDB_model_num 
_pdbx_unobs_or_zero_occ_residues.polymer_flag 
_pdbx_unobs_or_zero_occ_residues.occupancy_flag 
_pdbx_unobs_or_zero_occ_residues.auth_asym_id 
_pdbx_unobs_or_zero_occ_residues.auth_comp_id 
_pdbx_unobs_or_zero_occ_residues.auth_seq_id 
_pdbx_unobs_or_zero_occ_residues.PDB_ins_code 
_pdbx_unobs_or_zero_occ_residues.label_asym_id 
_pdbx_unobs_or_zero_occ_residues.label_comp_id 
_pdbx_unobs_or_zero_occ_residues.label_seq_id 
1  1 Y 1 A SER 91  ? A SER 91  
2  1 Y 1 A TYR 92  ? A TYR 92  
3  1 Y 1 A ASN 93  ? A ASN 93  
4  1 Y 1 A SER 94  ? A SER 94  
5  1 Y 1 A THR 95  ? A THR 95  
6  1 Y 1 A LEU 96  ? A LEU 96  
7  1 Y 1 A GLN 97  ? A GLN 97  
8  1 Y 1 A LEU 98  ? A LEU 98  
9  1 Y 1 A GLU 99  ? A GLU 99  
10 1 Y 1 A HIS 100 ? A HIS 100 
11 1 Y 1 A HIS 101 ? A HIS 101 
12 1 Y 1 A HIS 102 ? A HIS 102 
13 1 Y 1 A HIS 103 ? A HIS 103 
14 1 Y 1 A HIS 104 ? A HIS 104 
15 1 Y 1 A HIS 105 ? A HIS 105 
16 1 Y 1 A HIS 106 ? A HIS 106 
17 1 Y 1 A HIS 107 ? A HIS 107 
# 
loop_
_chem_comp_atom.comp_id 
_chem_comp_atom.atom_id 
_chem_comp_atom.type_symbol 
_chem_comp_atom.pdbx_aromatic_flag 
_chem_comp_atom.pdbx_stereo_config 
_chem_comp_atom.pdbx_ordinal 
ALA N    N N N 1   
ALA CA   C N S 2   
ALA C    C N N 3   
ALA O    O N N 4   
ALA CB   C N N 5   
ALA OXT  O N N 6   
ALA H    H N N 7   
ALA H2   H N N 8   
ALA HA   H N N 9   
ALA HB1  H N N 10  
ALA HB2  H N N 11  
ALA HB3  H N N 12  
ALA HXT  H N N 13  
ARG N    N N N 14  
ARG CA   C N S 15  
ARG C    C N N 16  
ARG O    O N N 17  
ARG CB   C N N 18  
ARG CG   C N N 19  
ARG CD   C N N 20  
ARG NE   N N N 21  
ARG CZ   C N N 22  
ARG NH1  N N N 23  
ARG NH2  N N N 24  
ARG OXT  O N N 25  
ARG H    H N N 26  
ARG H2   H N N 27  
ARG HA   H N N 28  
ARG HB2  H N N 29  
ARG HB3  H N N 30  
ARG HG2  H N N 31  
ARG HG3  H N N 32  
ARG HD2  H N N 33  
ARG HD3  H N N 34  
ARG HE   H N N 35  
ARG HH11 H N N 36  
ARG HH12 H N N 37  
ARG HH21 H N N 38  
ARG HH22 H N N 39  
ARG HXT  H N N 40  
ASN N    N N N 41  
ASN CA   C N S 42  
ASN C    C N N 43  
ASN O    O N N 44  
ASN CB   C N N 45  
ASN CG   C N N 46  
ASN OD1  O N N 47  
ASN ND2  N N N 48  
ASN OXT  O N N 49  
ASN H    H N N 50  
ASN H2   H N N 51  
ASN HA   H N N 52  
ASN HB2  H N N 53  
ASN HB3  H N N 54  
ASN HD21 H N N 55  
ASN HD22 H N N 56  
ASN HXT  H N N 57  
ASP N    N N N 58  
ASP CA   C N S 59  
ASP C    C N N 60  
ASP O    O N N 61  
ASP CB   C N N 62  
ASP CG   C N N 63  
ASP OD1  O N N 64  
ASP OD2  O N N 65  
ASP OXT  O N N 66  
ASP H    H N N 67  
ASP H2   H N N 68  
ASP HA   H N N 69  
ASP HB2  H N N 70  
ASP HB3  H N N 71  
ASP HD2  H N N 72  
ASP HXT  H N N 73  
CYS N    N N N 74  
CYS CA   C N R 75  
CYS C    C N N 76  
CYS O    O N N 77  
CYS CB   C N N 78  
CYS SG   S N N 79  
CYS OXT  O N N 80  
CYS H    H N N 81  
CYS H2   H N N 82  
CYS HA   H N N 83  
CYS HB2  H N N 84  
CYS HB3  H N N 85  
CYS HG   H N N 86  
CYS HXT  H N N 87  
GLN N    N N N 88  
GLN CA   C N S 89  
GLN C    C N N 90  
GLN O    O N N 91  
GLN CB   C N N 92  
GLN CG   C N N 93  
GLN CD   C N N 94  
GLN OE1  O N N 95  
GLN NE2  N N N 96  
GLN OXT  O N N 97  
GLN H    H N N 98  
GLN H2   H N N 99  
GLN HA   H N N 100 
GLN HB2  H N N 101 
GLN HB3  H N N 102 
GLN HG2  H N N 103 
GLN HG3  H N N 104 
GLN HE21 H N N 105 
GLN HE22 H N N 106 
GLN HXT  H N N 107 
GLU N    N N N 108 
GLU CA   C N S 109 
GLU C    C N N 110 
GLU O    O N N 111 
GLU CB   C N N 112 
GLU CG   C N N 113 
GLU CD   C N N 114 
GLU OE1  O N N 115 
GLU OE2  O N N 116 
GLU OXT  O N N 117 
GLU H    H N N 118 
GLU H2   H N N 119 
GLU HA   H N N 120 
GLU HB2  H N N 121 
GLU HB3  H N N 122 
GLU HG2  H N N 123 
GLU HG3  H N N 124 
GLU HE2  H N N 125 
GLU HXT  H N N 126 
GLY N    N N N 127 
GLY CA   C N N 128 
GLY C    C N N 129 
GLY O    O N N 130 
GLY OXT  O N N 131 
GLY H    H N N 132 
GLY H2   H N N 133 
GLY HA2  H N N 134 
GLY HA3  H N N 135 
GLY HXT  H N N 136 
HIS N    N N N 137 
HIS CA   C N S 138 
HIS C    C N N 139 
HIS O    O N N 140 
HIS CB   C N N 141 
HIS CG   C Y N 142 
HIS ND1  N Y N 143 
HIS CD2  C Y N 144 
HIS CE1  C Y N 145 
HIS NE2  N Y N 146 
HIS OXT  O N N 147 
HIS H    H N N 148 
HIS H2   H N N 149 
HIS HA   H N N 150 
HIS HB2  H N N 151 
HIS HB3  H N N 152 
HIS HD1  H N N 153 
HIS HD2  H N N 154 
HIS HE1  H N N 155 
HIS HE2  H N N 156 
HIS HXT  H N N 157 
HOH O    O N N 158 
HOH H1   H N N 159 
HOH H2   H N N 160 
ILE N    N N N 161 
ILE CA   C N S 162 
ILE C    C N N 163 
ILE O    O N N 164 
ILE CB   C N S 165 
ILE CG1  C N N 166 
ILE CG2  C N N 167 
ILE CD1  C N N 168 
ILE OXT  O N N 169 
ILE H    H N N 170 
ILE H2   H N N 171 
ILE HA   H N N 172 
ILE HB   H N N 173 
ILE HG12 H N N 174 
ILE HG13 H N N 175 
ILE HG21 H N N 176 
ILE HG22 H N N 177 
ILE HG23 H N N 178 
ILE HD11 H N N 179 
ILE HD12 H N N 180 
ILE HD13 H N N 181 
ILE HXT  H N N 182 
LEU N    N N N 183 
LEU CA   C N S 184 
LEU C    C N N 185 
LEU O    O N N 186 
LEU CB   C N N 187 
LEU CG   C N N 188 
LEU CD1  C N N 189 
LEU CD2  C N N 190 
LEU OXT  O N N 191 
LEU H    H N N 192 
LEU H2   H N N 193 
LEU HA   H N N 194 
LEU HB2  H N N 195 
LEU HB3  H N N 196 
LEU HG   H N N 197 
LEU HD11 H N N 198 
LEU HD12 H N N 199 
LEU HD13 H N N 200 
LEU HD21 H N N 201 
LEU HD22 H N N 202 
LEU HD23 H N N 203 
LEU HXT  H N N 204 
LYS N    N N N 205 
LYS CA   C N S 206 
LYS C    C N N 207 
LYS O    O N N 208 
LYS CB   C N N 209 
LYS CG   C N N 210 
LYS CD   C N N 211 
LYS CE   C N N 212 
LYS NZ   N N N 213 
LYS OXT  O N N 214 
LYS H    H N N 215 
LYS H2   H N N 216 
LYS HA   H N N 217 
LYS HB2  H N N 218 
LYS HB3  H N N 219 
LYS HG2  H N N 220 
LYS HG3  H N N 221 
LYS HD2  H N N 222 
LYS HD3  H N N 223 
LYS HE2  H N N 224 
LYS HE3  H N N 225 
LYS HZ1  H N N 226 
LYS HZ2  H N N 227 
LYS HZ3  H N N 228 
LYS HXT  H N N 229 
MET N    N N N 230 
MET CA   C N S 231 
MET C    C N N 232 
MET O    O N N 233 
MET CB   C N N 234 
MET CG   C N N 235 
MET SD   S N N 236 
MET CE   C N N 237 
MET OXT  O N N 238 
MET H    H N N 239 
MET H2   H N N 240 
MET HA   H N N 241 
MET HB2  H N N 242 
MET HB3  H N N 243 
MET HG2  H N N 244 
MET HG3  H N N 245 
MET HE1  H N N 246 
MET HE2  H N N 247 
MET HE3  H N N 248 
MET HXT  H N N 249 
PHE N    N N N 250 
PHE CA   C N S 251 
PHE C    C N N 252 
PHE O    O N N 253 
PHE CB   C N N 254 
PHE CG   C Y N 255 
PHE CD1  C Y N 256 
PHE CD2  C Y N 257 
PHE CE1  C Y N 258 
PHE CE2  C Y N 259 
PHE CZ   C Y N 260 
PHE OXT  O N N 261 
PHE H    H N N 262 
PHE H2   H N N 263 
PHE HA   H N N 264 
PHE HB2  H N N 265 
PHE HB3  H N N 266 
PHE HD1  H N N 267 
PHE HD2  H N N 268 
PHE HE1  H N N 269 
PHE HE2  H N N 270 
PHE HZ   H N N 271 
PHE HXT  H N N 272 
PRO N    N N N 273 
PRO CA   C N S 274 
PRO C    C N N 275 
PRO O    O N N 276 
PRO CB   C N N 277 
PRO CG   C N N 278 
PRO CD   C N N 279 
PRO OXT  O N N 280 
PRO H    H N N 281 
PRO HA   H N N 282 
PRO HB2  H N N 283 
PRO HB3  H N N 284 
PRO HG2  H N N 285 
PRO HG3  H N N 286 
PRO HD2  H N N 287 
PRO HD3  H N N 288 
PRO HXT  H N N 289 
SER N    N N N 290 
SER CA   C N S 291 
SER C    C N N 292 
SER O    O N N 293 
SER CB   C N N 294 
SER OG   O N N 295 
SER OXT  O N N 296 
SER H    H N N 297 
SER H2   H N N 298 
SER HA   H N N 299 
SER HB2  H N N 300 
SER HB3  H N N 301 
SER HG   H N N 302 
SER HXT  H N N 303 
THR N    N N N 304 
THR CA   C N S 305 
THR C    C N N 306 
THR O    O N N 307 
THR CB   C N R 308 
THR OG1  O N N 309 
THR CG2  C N N 310 
THR OXT  O N N 311 
THR H    H N N 312 
THR H2   H N N 313 
THR HA   H N N 314 
THR HB   H N N 315 
THR HG1  H N N 316 
THR HG21 H N N 317 
THR HG22 H N N 318 
THR HG23 H N N 319 
THR HXT  H N N 320 
TYR N    N N N 321 
TYR CA   C N S 322 
TYR C    C N N 323 
TYR O    O N N 324 
TYR CB   C N N 325 
TYR CG   C Y N 326 
TYR CD1  C Y N 327 
TYR CD2  C Y N 328 
TYR CE1  C Y N 329 
TYR CE2  C Y N 330 
TYR CZ   C Y N 331 
TYR OH   O N N 332 
TYR OXT  O N N 333 
TYR H    H N N 334 
TYR H2   H N N 335 
TYR HA   H N N 336 
TYR HB2  H N N 337 
TYR HB3  H N N 338 
TYR HD1  H N N 339 
TYR HD2  H N N 340 
TYR HE1  H N N 341 
TYR HE2  H N N 342 
TYR HH   H N N 343 
TYR HXT  H N N 344 
VAL N    N N N 345 
VAL CA   C N S 346 
VAL C    C N N 347 
VAL O    O N N 348 
VAL CB   C N N 349 
VAL CG1  C N N 350 
VAL CG2  C N N 351 
VAL OXT  O N N 352 
VAL H    H N N 353 
VAL H2   H N N 354 
VAL HA   H N N 355 
VAL HB   H N N 356 
VAL HG11 H N N 357 
VAL HG12 H N N 358 
VAL HG13 H N N 359 
VAL HG21 H N N 360 
VAL HG22 H N N 361 
VAL HG23 H N N 362 
VAL HXT  H N N 363 
# 
loop_
_chem_comp_bond.comp_id 
_chem_comp_bond.atom_id_1 
_chem_comp_bond.atom_id_2 
_chem_comp_bond.value_order 
_chem_comp_bond.pdbx_aromatic_flag 
_chem_comp_bond.pdbx_stereo_config 
_chem_comp_bond.pdbx_ordinal 
ALA N   CA   sing N N 1   
ALA N   H    sing N N 2   
ALA N   H2   sing N N 3   
ALA CA  C    sing N N 4   
ALA CA  CB   sing N N 5   
ALA CA  HA   sing N N 6   
ALA C   O    doub N N 7   
ALA C   OXT  sing N N 8   
ALA CB  HB1  sing N N 9   
ALA CB  HB2  sing N N 10  
ALA CB  HB3  sing N N 11  
ALA OXT HXT  sing N N 12  
ARG N   CA   sing N N 13  
ARG N   H    sing N N 14  
ARG N   H2   sing N N 15  
ARG CA  C    sing N N 16  
ARG CA  CB   sing N N 17  
ARG CA  HA   sing N N 18  
ARG C   O    doub N N 19  
ARG C   OXT  sing N N 20  
ARG CB  CG   sing N N 21  
ARG CB  HB2  sing N N 22  
ARG CB  HB3  sing N N 23  
ARG CG  CD   sing N N 24  
ARG CG  HG2  sing N N 25  
ARG CG  HG3  sing N N 26  
ARG CD  NE   sing N N 27  
ARG CD  HD2  sing N N 28  
ARG CD  HD3  sing N N 29  
ARG NE  CZ   sing N N 30  
ARG NE  HE   sing N N 31  
ARG CZ  NH1  sing N N 32  
ARG CZ  NH2  doub N N 33  
ARG NH1 HH11 sing N N 34  
ARG NH1 HH12 sing N N 35  
ARG NH2 HH21 sing N N 36  
ARG NH2 HH22 sing N N 37  
ARG OXT HXT  sing N N 38  
ASN N   CA   sing N N 39  
ASN N   H    sing N N 40  
ASN N   H2   sing N N 41  
ASN CA  C    sing N N 42  
ASN CA  CB   sing N N 43  
ASN CA  HA   sing N N 44  
ASN C   O    doub N N 45  
ASN C   OXT  sing N N 46  
ASN CB  CG   sing N N 47  
ASN CB  HB2  sing N N 48  
ASN CB  HB3  sing N N 49  
ASN CG  OD1  doub N N 50  
ASN CG  ND2  sing N N 51  
ASN ND2 HD21 sing N N 52  
ASN ND2 HD22 sing N N 53  
ASN OXT HXT  sing N N 54  
ASP N   CA   sing N N 55  
ASP N   H    sing N N 56  
ASP N   H2   sing N N 57  
ASP CA  C    sing N N 58  
ASP CA  CB   sing N N 59  
ASP CA  HA   sing N N 60  
ASP C   O    doub N N 61  
ASP C   OXT  sing N N 62  
ASP CB  CG   sing N N 63  
ASP CB  HB2  sing N N 64  
ASP CB  HB3  sing N N 65  
ASP CG  OD1  doub N N 66  
ASP CG  OD2  sing N N 67  
ASP OD2 HD2  sing N N 68  
ASP OXT HXT  sing N N 69  
CYS N   CA   sing N N 70  
CYS N   H    sing N N 71  
CYS N   H2   sing N N 72  
CYS CA  C    sing N N 73  
CYS CA  CB   sing N N 74  
CYS CA  HA   sing N N 75  
CYS C   O    doub N N 76  
CYS C   OXT  sing N N 77  
CYS CB  SG   sing N N 78  
CYS CB  HB2  sing N N 79  
CYS CB  HB3  sing N N 80  
CYS SG  HG   sing N N 81  
CYS OXT HXT  sing N N 82  
GLN N   CA   sing N N 83  
GLN N   H    sing N N 84  
GLN N   H2   sing N N 85  
GLN CA  C    sing N N 86  
GLN CA  CB   sing N N 87  
GLN CA  HA   sing N N 88  
GLN C   O    doub N N 89  
GLN C   OXT  sing N N 90  
GLN CB  CG   sing N N 91  
GLN CB  HB2  sing N N 92  
GLN CB  HB3  sing N N 93  
GLN CG  CD   sing N N 94  
GLN CG  HG2  sing N N 95  
GLN CG  HG3  sing N N 96  
GLN CD  OE1  doub N N 97  
GLN CD  NE2  sing N N 98  
GLN NE2 HE21 sing N N 99  
GLN NE2 HE22 sing N N 100 
GLN OXT HXT  sing N N 101 
GLU N   CA   sing N N 102 
GLU N   H    sing N N 103 
GLU N   H2   sing N N 104 
GLU CA  C    sing N N 105 
GLU CA  CB   sing N N 106 
GLU CA  HA   sing N N 107 
GLU C   O    doub N N 108 
GLU C   OXT  sing N N 109 
GLU CB  CG   sing N N 110 
GLU CB  HB2  sing N N 111 
GLU CB  HB3  sing N N 112 
GLU CG  CD   sing N N 113 
GLU CG  HG2  sing N N 114 
GLU CG  HG3  sing N N 115 
GLU CD  OE1  doub N N 116 
GLU CD  OE2  sing N N 117 
GLU OE2 HE2  sing N N 118 
GLU OXT HXT  sing N N 119 
GLY N   CA   sing N N 120 
GLY N   H    sing N N 121 
GLY N   H2   sing N N 122 
GLY CA  C    sing N N 123 
GLY CA  HA2  sing N N 124 
GLY CA  HA3  sing N N 125 
GLY C   O    doub N N 126 
GLY C   OXT  sing N N 127 
GLY OXT HXT  sing N N 128 
HIS N   CA   sing N N 129 
HIS N   H    sing N N 130 
HIS N   H2   sing N N 131 
HIS CA  C    sing N N 132 
HIS CA  CB   sing N N 133 
HIS CA  HA   sing N N 134 
HIS C   O    doub N N 135 
HIS C   OXT  sing N N 136 
HIS CB  CG   sing N N 137 
HIS CB  HB2  sing N N 138 
HIS CB  HB3  sing N N 139 
HIS CG  ND1  sing Y N 140 
HIS CG  CD2  doub Y N 141 
HIS ND1 CE1  doub Y N 142 
HIS ND1 HD1  sing N N 143 
HIS CD2 NE2  sing Y N 144 
HIS CD2 HD2  sing N N 145 
HIS CE1 NE2  sing Y N 146 
HIS CE1 HE1  sing N N 147 
HIS NE2 HE2  sing N N 148 
HIS OXT HXT  sing N N 149 
HOH O   H1   sing N N 150 
HOH O   H2   sing N N 151 
ILE N   CA   sing N N 152 
ILE N   H    sing N N 153 
ILE N   H2   sing N N 154 
ILE CA  C    sing N N 155 
ILE CA  CB   sing N N 156 
ILE CA  HA   sing N N 157 
ILE C   O    doub N N 158 
ILE C   OXT  sing N N 159 
ILE CB  CG1  sing N N 160 
ILE CB  CG2  sing N N 161 
ILE CB  HB   sing N N 162 
ILE CG1 CD1  sing N N 163 
ILE CG1 HG12 sing N N 164 
ILE CG1 HG13 sing N N 165 
ILE CG2 HG21 sing N N 166 
ILE CG2 HG22 sing N N 167 
ILE CG2 HG23 sing N N 168 
ILE CD1 HD11 sing N N 169 
ILE CD1 HD12 sing N N 170 
ILE CD1 HD13 sing N N 171 
ILE OXT HXT  sing N N 172 
LEU N   CA   sing N N 173 
LEU N   H    sing N N 174 
LEU N   H2   sing N N 175 
LEU CA  C    sing N N 176 
LEU CA  CB   sing N N 177 
LEU CA  HA   sing N N 178 
LEU C   O    doub N N 179 
LEU C   OXT  sing N N 180 
LEU CB  CG   sing N N 181 
LEU CB  HB2  sing N N 182 
LEU CB  HB3  sing N N 183 
LEU CG  CD1  sing N N 184 
LEU CG  CD2  sing N N 185 
LEU CG  HG   sing N N 186 
LEU CD1 HD11 sing N N 187 
LEU CD1 HD12 sing N N 188 
LEU CD1 HD13 sing N N 189 
LEU CD2 HD21 sing N N 190 
LEU CD2 HD22 sing N N 191 
LEU CD2 HD23 sing N N 192 
LEU OXT HXT  sing N N 193 
LYS N   CA   sing N N 194 
LYS N   H    sing N N 195 
LYS N   H2   sing N N 196 
LYS CA  C    sing N N 197 
LYS CA  CB   sing N N 198 
LYS CA  HA   sing N N 199 
LYS C   O    doub N N 200 
LYS C   OXT  sing N N 201 
LYS CB  CG   sing N N 202 
LYS CB  HB2  sing N N 203 
LYS CB  HB3  sing N N 204 
LYS CG  CD   sing N N 205 
LYS CG  HG2  sing N N 206 
LYS CG  HG3  sing N N 207 
LYS CD  CE   sing N N 208 
LYS CD  HD2  sing N N 209 
LYS CD  HD3  sing N N 210 
LYS CE  NZ   sing N N 211 
LYS CE  HE2  sing N N 212 
LYS CE  HE3  sing N N 213 
LYS NZ  HZ1  sing N N 214 
LYS NZ  HZ2  sing N N 215 
LYS NZ  HZ3  sing N N 216 
LYS OXT HXT  sing N N 217 
MET N   CA   sing N N 218 
MET N   H    sing N N 219 
MET N   H2   sing N N 220 
MET CA  C    sing N N 221 
MET CA  CB   sing N N 222 
MET CA  HA   sing N N 223 
MET C   O    doub N N 224 
MET C   OXT  sing N N 225 
MET CB  CG   sing N N 226 
MET CB  HB2  sing N N 227 
MET CB  HB3  sing N N 228 
MET CG  SD   sing N N 229 
MET CG  HG2  sing N N 230 
MET CG  HG3  sing N N 231 
MET SD  CE   sing N N 232 
MET CE  HE1  sing N N 233 
MET CE  HE2  sing N N 234 
MET CE  HE3  sing N N 235 
MET OXT HXT  sing N N 236 
PHE N   CA   sing N N 237 
PHE N   H    sing N N 238 
PHE N   H2   sing N N 239 
PHE CA  C    sing N N 240 
PHE CA  CB   sing N N 241 
PHE CA  HA   sing N N 242 
PHE C   O    doub N N 243 
PHE C   OXT  sing N N 244 
PHE CB  CG   sing N N 245 
PHE CB  HB2  sing N N 246 
PHE CB  HB3  sing N N 247 
PHE CG  CD1  doub Y N 248 
PHE CG  CD2  sing Y N 249 
PHE CD1 CE1  sing Y N 250 
PHE CD1 HD1  sing N N 251 
PHE CD2 CE2  doub Y N 252 
PHE CD2 HD2  sing N N 253 
PHE CE1 CZ   doub Y N 254 
PHE CE1 HE1  sing N N 255 
PHE CE2 CZ   sing Y N 256 
PHE CE2 HE2  sing N N 257 
PHE CZ  HZ   sing N N 258 
PHE OXT HXT  sing N N 259 
PRO N   CA   sing N N 260 
PRO N   CD   sing N N 261 
PRO N   H    sing N N 262 
PRO CA  C    sing N N 263 
PRO CA  CB   sing N N 264 
PRO CA  HA   sing N N 265 
PRO C   O    doub N N 266 
PRO C   OXT  sing N N 267 
PRO CB  CG   sing N N 268 
PRO CB  HB2  sing N N 269 
PRO CB  HB3  sing N N 270 
PRO CG  CD   sing N N 271 
PRO CG  HG2  sing N N 272 
PRO CG  HG3  sing N N 273 
PRO CD  HD2  sing N N 274 
PRO CD  HD3  sing N N 275 
PRO OXT HXT  sing N N 276 
SER N   CA   sing N N 277 
SER N   H    sing N N 278 
SER N   H2   sing N N 279 
SER CA  C    sing N N 280 
SER CA  CB   sing N N 281 
SER CA  HA   sing N N 282 
SER C   O    doub N N 283 
SER C   OXT  sing N N 284 
SER CB  OG   sing N N 285 
SER CB  HB2  sing N N 286 
SER CB  HB3  sing N N 287 
SER OG  HG   sing N N 288 
SER OXT HXT  sing N N 289 
THR N   CA   sing N N 290 
THR N   H    sing N N 291 
THR N   H2   sing N N 292 
THR CA  C    sing N N 293 
THR CA  CB   sing N N 294 
THR CA  HA   sing N N 295 
THR C   O    doub N N 296 
THR C   OXT  sing N N 297 
THR CB  OG1  sing N N 298 
THR CB  CG2  sing N N 299 
THR CB  HB   sing N N 300 
THR OG1 HG1  sing N N 301 
THR CG2 HG21 sing N N 302 
THR CG2 HG22 sing N N 303 
THR CG2 HG23 sing N N 304 
THR OXT HXT  sing N N 305 
TYR N   CA   sing N N 306 
TYR N   H    sing N N 307 
TYR N   H2   sing N N 308 
TYR CA  C    sing N N 309 
TYR CA  CB   sing N N 310 
TYR CA  HA   sing N N 311 
TYR C   O    doub N N 312 
TYR C   OXT  sing N N 313 
TYR CB  CG   sing N N 314 
TYR CB  HB2  sing N N 315 
TYR CB  HB3  sing N N 316 
TYR CG  CD1  doub Y N 317 
TYR CG  CD2  sing Y N 318 
TYR CD1 CE1  sing Y N 319 
TYR CD1 HD1  sing N N 320 
TYR CD2 CE2  doub Y N 321 
TYR CD2 HD2  sing N N 322 
TYR CE1 CZ   doub Y N 323 
TYR CE1 HE1  sing N N 324 
TYR CE2 CZ   sing Y N 325 
TYR CE2 HE2  sing N N 326 
TYR CZ  OH   sing N N 327 
TYR OH  HH   sing N N 328 
TYR OXT HXT  sing N N 329 
VAL N   CA   sing N N 330 
VAL N   H    sing N N 331 
VAL N   H2   sing N N 332 
VAL CA  C    sing N N 333 
VAL CA  CB   sing N N 334 
VAL CA  HA   sing N N 335 
VAL C   O    doub N N 336 
VAL C   OXT  sing N N 337 
VAL CB  CG1  sing N N 338 
VAL CB  CG2  sing N N 339 
VAL CB  HB   sing N N 340 
VAL CG1 HG11 sing N N 341 
VAL CG1 HG12 sing N N 342 
VAL CG1 HG13 sing N N 343 
VAL CG2 HG21 sing N N 344 
VAL CG2 HG22 sing N N 345 
VAL CG2 HG23 sing N N 346 
VAL OXT HXT  sing N N 347 
# 
_pdbx_audit_support.funding_organization   'National Natural Science Foundation of China (NSFC)' 
_pdbx_audit_support.country                China 
_pdbx_audit_support.grant_number           ? 
_pdbx_audit_support.ordinal                1 
# 
_atom_sites.entry_id                    8XPI 
_atom_sites.Cartn_transf_matrix[1][1]   ? 
_atom_sites.Cartn_transf_matrix[1][2]   ? 
_atom_sites.Cartn_transf_matrix[1][3]   ? 
_atom_sites.Cartn_transf_matrix[2][1]   ? 
_atom_sites.Cartn_transf_matrix[2][2]   ? 
_atom_sites.Cartn_transf_matrix[2][3]   ? 
_atom_sites.Cartn_transf_matrix[3][1]   ? 
_atom_sites.Cartn_transf_matrix[3][2]   ? 
_atom_sites.Cartn_transf_matrix[3][3]   ? 
_atom_sites.Cartn_transf_vector[1]      ? 
_atom_sites.Cartn_transf_vector[2]      ? 
_atom_sites.Cartn_transf_vector[3]      ? 
_atom_sites.Cartn_transform_axes        ? 
_atom_sites.fract_transf_matrix[1][1]   0.01763321 
_atom_sites.fract_transf_matrix[1][2]   -0.00235785 
_atom_sites.fract_transf_matrix[1][3]   0.00830255 
_atom_sites.fract_transf_matrix[2][1]   0.00138897 
_atom_sites.fract_transf_matrix[2][2]   -0.00349454 
_atom_sites.fract_transf_matrix[2][3]   0.01926950 
_atom_sites.fract_transf_matrix[3][1]   -0.00094580 
_atom_sites.fract_transf_matrix[3][2]   -0.01890639 
_atom_sites.fract_transf_matrix[3][3]   -0.00336052 
_atom_sites.fract_transf_vector[1]      -0.028526 
_atom_sites.fract_transf_vector[2]      0.376209 
_atom_sites.fract_transf_vector[3]      -0.023084 
_atom_sites.solution_primary            ? 
_atom_sites.solution_secondary          ? 
_atom_sites.solution_hydrogens          ? 
_atom_sites.special_details             ? 
# 
loop_
_atom_type.symbol 
C 
N 
O 
S 
# 
loop_
_atom_site.group_PDB 
_atom_site.id 
_atom_site.type_symbol 
_atom_site.label_atom_id 
_atom_site.label_alt_id 
_atom_site.label_comp_id 
_atom_site.label_asym_id 
_atom_site.label_entity_id 
_atom_site.label_seq_id 
_atom_site.pdbx_PDB_ins_code 
_atom_site.Cartn_x 
_atom_site.Cartn_y 
_atom_site.Cartn_z 
_atom_site.occupancy 
_atom_site.B_iso_or_equiv 
_atom_site.pdbx_formal_charge 
_atom_site.auth_seq_id 
_atom_site.auth_comp_id 
_atom_site.auth_asym_id 
_atom_site.auth_atom_id 
_atom_site.pdbx_PDB_model_num 
ATOM   1   N N   . MET A 1 1  ? -5.505  13.408  -5.028  1.00 60.78 ? 1   MET A N   1 
ATOM   2   C CA  . MET A 1 1  ? -5.758  12.096  -5.616  1.00 57.79 ? 1   MET A CA  1 
ATOM   3   C C   . MET A 1 1  ? -4.450  11.334  -5.875  1.00 51.33 ? 1   MET A C   1 
ATOM   4   O O   . MET A 1 1  ? -3.405  11.680  -5.318  1.00 50.26 ? 1   MET A O   1 
ATOM   5   C CB  . MET A 1 1  ? -6.579  12.237  -6.911  1.00 63.28 ? 1   MET A CB  1 
ATOM   6   C CG  . MET A 1 1  ? -5.893  12.986  -8.051  1.00 60.27 ? 1   MET A CG  1 
ATOM   7   S SD  . MET A 1 1  ? -5.451  14.683  -7.615  1.00 72.88 ? 1   MET A SD  1 
ATOM   8   C CE  . MET A 1 1  ? -4.939  15.315  -9.211  1.00 62.42 ? 1   MET A CE  1 
ATOM   9   N N   . LEU A 1 2  ? -4.518  10.302  -6.719  1.00 46.60 ? 2   LEU A N   1 
ATOM   10  C CA  . LEU A 1 2  ? -3.432  9.340   -6.881  1.00 40.81 ? 2   LEU A CA  1 
ATOM   11  C C   . LEU A 1 2  ? -2.471  9.688   -8.001  1.00 39.80 ? 2   LEU A C   1 
ATOM   12  O O   . LEU A 1 2  ? -1.273  9.388   -7.892  1.00 36.94 ? 2   LEU A O   1 
ATOM   13  C CB  . LEU A 1 2  ? -4.002  7.950   -7.155  1.00 42.51 ? 2   LEU A CB  1 
ATOM   14  C CG  . LEU A 1 2  ? -3.841  6.896   -6.078  1.00 41.54 ? 2   LEU A CG  1 
ATOM   15  C CD1 . LEU A 1 2  ? -4.712  7.234   -4.913  1.00 44.89 ? 2   LEU A CD1 1 
ATOM   16  C CD2 . LEU A 1 2  ? -4.264  5.573   -6.657  1.00 41.65 ? 2   LEU A CD2 1 
ATOM   17  N N   . PHE A 1 3  ? -2.965  10.294  -9.081  1.00 39.35 ? 3   PHE A N   1 
ATOM   18  C CA  . PHE A 1 3  ? -2.125  10.689  -10.196 1.00 39.95 ? 3   PHE A CA  1 
ATOM   19  C C   . PHE A 1 3  ? -2.358  12.158  -10.519 1.00 46.91 ? 3   PHE A C   1 
ATOM   20  O O   . PHE A 1 3  ? -3.378  12.744  -10.145 1.00 48.54 ? 3   PHE A O   1 
ATOM   21  C CB  . PHE A 1 3  ? -2.364  9.814   -11.435 1.00 41.48 ? 3   PHE A CB  1 
ATOM   22  C CG  . PHE A 1 3  ? -1.997  8.361   -11.234 1.00 41.40 ? 3   PHE A CG  1 
ATOM   23  C CD1 . PHE A 1 3  ? -2.863  7.482   -10.607 1.00 39.30 ? 3   PHE A CD1 1 
ATOM   24  C CD2 . PHE A 1 3  ? -0.755  7.897   -11.631 1.00 42.94 ? 3   PHE A CD2 1 
ATOM   25  C CE1 . PHE A 1 3  ? -2.504  6.152   -10.426 1.00 34.91 ? 3   PHE A CE1 1 
ATOM   26  C CE2 . PHE A 1 3  ? -0.395  6.570   -11.452 1.00 36.84 ? 3   PHE A CE2 1 
ATOM   27  C CZ  . PHE A 1 3  ? -1.268  5.705   -10.852 1.00 33.23 ? 3   PHE A CZ  1 
ATOM   28  N N   . GLU A 1 4  ? -1.354  12.758  -11.176 1.00 46.61 ? 4   GLU A N   1 
ATOM   29  C CA  . GLU A 1 4  ? -1.420  14.124  -11.715 1.00 55.06 ? 4   GLU A CA  1 
ATOM   30  C C   . GLU A 1 4  ? -0.910  14.026  -13.146 1.00 53.66 ? 4   GLU A C   1 
ATOM   31  O O   . GLU A 1 4  ? 0.228   14.404  -13.434 1.00 57.76 ? 4   GLU A O   1 
ATOM   32  C CB  . GLU A 1 4  ? -0.597  15.094  -10.884 1.00 52.30 ? 4   GLU A CB  1 
ATOM   33  C CG  . GLU A 1 4  ? -1.384  15.696  -9.744  1.00 59.16 ? 4   GLU A CG  1 
ATOM   34  C CD  . GLU A 1 4  ? -1.047  17.149  -9.496  1.00 69.02 ? 4   GLU A CD  1 
ATOM   35  O OE1 . GLU A 1 4  ? 0.156   17.451  -9.289  1.00 66.87 ? 4   GLU A OE1 1 
ATOM   36  O OE2 . GLU A 1 4  ? -1.996  17.976  -9.510  1.00 65.92 ? 4   GLU A OE2 1 
ATOM   37  N N   . GLY A 1 5  ? -1.753  13.502  -14.030 1.00 55.72 ? 5   GLY A N   1 
ATOM   38  C CA  . GLY A 1 5  ? -1.307  13.113  -15.358 1.00 59.48 ? 5   GLY A CA  1 
ATOM   39  C C   . GLY A 1 5  ? -0.739  11.710  -15.341 1.00 58.50 ? 5   GLY A C   1 
ATOM   40  O O   . GLY A 1 5  ? -1.386  10.781  -14.864 1.00 58.67 ? 5   GLY A O   1 
ATOM   41  N N   . ASP A 1 6  ? 0.477   11.558  -15.852 1.00 65.05 ? 6   ASP A N   1 
ATOM   42  C CA  . ASP A 1 6  ? 1.176   10.277  -15.848 1.00 64.37 ? 6   ASP A CA  1 
ATOM   43  C C   . ASP A 1 6  ? 1.989   10.051  -14.581 1.00 61.46 ? 6   ASP A C   1 
ATOM   44  O O   . ASP A 1 6  ? 2.726   9.059   -14.498 1.00 65.09 ? 6   ASP A O   1 
ATOM   45  C CB  . ASP A 1 6  ? 2.119   10.166  -17.058 1.00 70.72 ? 6   ASP A CB  1 
ATOM   46  C CG  . ASP A 1 6  ? 1.378   10.034  -18.385 1.00 77.56 ? 6   ASP A CG  1 
ATOM   47  O OD1 . ASP A 1 6  ? 0.151   9.756   -18.390 1.00 79.18 ? 6   ASP A OD1 1 
ATOM   48  O OD2 . ASP A 1 6  ? 2.040   10.202  -19.434 1.00 83.05 ? 6   ASP A OD2 1 
ATOM   49  N N   . LYS A 1 7  ? 1.894   10.946  -13.600 1.00 56.62 ? 7   LYS A N   1 
ATOM   50  C CA  . LYS A 1 7  ? 2.789   10.938  -12.449 1.00 52.37 ? 7   LYS A CA  1 
ATOM   51  C C   . LYS A 1 7  ? 2.040   10.506  -11.192 1.00 45.61 ? 7   LYS A C   1 
ATOM   52  O O   . LYS A 1 7  ? 0.995   11.082  -10.855 1.00 43.18 ? 7   LYS A O   1 
ATOM   53  C CB  . LYS A 1 7  ? 3.412   12.320  -12.236 1.00 51.06 ? 7   LYS A CB  1 
ATOM   54  C CG  . LYS A 1 7  ? 4.306   12.412  -11.031 1.00 51.02 ? 7   LYS A CG  1 
ATOM   55  C CD  . LYS A 1 7  ? 4.759   13.849  -10.776 1.00 56.45 ? 7   LYS A CD  1 
ATOM   56  C CE  . LYS A 1 7  ? 5.817   13.872  -9.687  1.00 63.25 ? 7   LYS A CE  1 
ATOM   57  N NZ  . LYS A 1 7  ? 6.431   12.517  -9.506  1.00 62.63 ? 7   LYS A NZ  1 
ATOM   58  N N   . PHE A 1 8  ? 2.594   9.515   -10.489 1.00 44.73 ? 8   PHE A N   1 
ATOM   59  C CA  . PHE A 1 8  ? 2.035   9.072   -9.217  1.00 40.19 ? 8   PHE A CA  1 
ATOM   60  C C   . PHE A 1 8  ? 2.348   10.084  -8.126  1.00 39.76 ? 8   PHE A C   1 
ATOM   61  O O   . PHE A 1 8  ? 3.520   10.360  -7.841  1.00 41.65 ? 8   PHE A O   1 
ATOM   62  C CB  . PHE A 1 8  ? 2.594   7.704   -8.836  1.00 37.40 ? 8   PHE A CB  1 
ATOM   63  C CG  . PHE A 1 8  ? 2.059   7.193   -7.532  1.00 31.44 ? 8   PHE A CG  1 
ATOM   64  C CD1 . PHE A 1 8  ? 0.863   6.495   -7.481  1.00 35.72 ? 8   PHE A CD1 1 
ATOM   65  C CD2 . PHE A 1 8  ? 2.723   7.447   -6.357  1.00 31.53 ? 8   PHE A CD2 1 
ATOM   66  C CE1 . PHE A 1 8  ? 0.361   6.035   -6.267  1.00 31.91 ? 8   PHE A CE1 1 
ATOM   67  C CE2 . PHE A 1 8  ? 2.222   7.018   -5.158  1.00 32.70 ? 8   PHE A CE2 1 
ATOM   68  C CZ  . PHE A 1 8  ? 1.047   6.303   -5.106  1.00 29.45 ? 8   PHE A CZ  1 
ATOM   69  N N   . VAL A 1 9  ? 1.310   10.616  -7.481  1.00 35.53 ? 9   VAL A N   1 
ATOM   70  C CA  . VAL A 1 9  ? 1.487   11.614  -6.439  1.00 36.57 ? 9   VAL A CA  1 
ATOM   71  C C   . VAL A 1 9  ? 0.853   11.203  -5.120  1.00 38.00 ? 9   VAL A C   1 
ATOM   72  O O   . VAL A 1 9  ? 0.858   11.991  -4.173  1.00 37.13 ? 9   VAL A O   1 
ATOM   73  C CB  . VAL A 1 9  ? 0.949   12.995  -6.885  1.00 40.16 ? 9   VAL A CB  1 
ATOM   74  C CG1 . VAL A 1 9  ? 1.619   13.437  -8.175  1.00 43.07 ? 9   VAL A CG1 1 
ATOM   75  C CG2 . VAL A 1 9  ? -0.563  12.982  -7.053  1.00 40.49 ? 9   VAL A CG2 1 
ATOM   76  N N   . GLY A 1 10 ? 0.336   9.975   -5.011  1.00 35.86 ? 10  GLY A N   1 
ATOM   77  C CA  . GLY A 1 10 ? -0.507  9.625   -3.875  1.00 37.54 ? 10  GLY A CA  1 
ATOM   78  C C   . GLY A 1 10 ? 0.282   9.413   -2.599  1.00 32.30 ? 10  GLY A C   1 
ATOM   79  O O   . GLY A 1 10 ? 1.443   9.016   -2.620  1.00 34.20 ? 10  GLY A O   1 
ATOM   80  N N   . SER A 1 11 ? -0.368  9.663   -1.466  1.00 30.24 ? 11  SER A N   1 
ATOM   81  C CA  . SER A 1 11 ? 0.241   9.363   -0.181  1.00 32.92 ? 11  SER A CA  1 
ATOM   82  C C   . SER A 1 11 ? -0.052  7.911   0.186   1.00 33.17 ? 11  SER A C   1 
ATOM   83  O O   . SER A 1 11 ? -0.889  7.260   -0.436  1.00 32.12 ? 11  SER A O   1 
ATOM   84  C CB  . SER A 1 11 ? -0.282  10.314  0.894   1.00 35.97 ? 11  SER A CB  1 
ATOM   85  O OG  . SER A 1 11 ? -1.664  10.083  1.127   1.00 42.09 ? 11  SER A OG  1 
ATOM   86  N N   . PHE A 1 12 ? 0.676   7.390   1.185   1.00 28.21 ? 12  PHE A N   1 
ATOM   87  C CA  . PHE A 1 12 ? 0.467   6.010   1.614   1.00 28.24 ? 12  PHE A CA  1 
ATOM   88  C C   . PHE A 1 12 ? -0.989  5.753   1.978   1.00 30.44 ? 12  PHE A C   1 
ATOM   89  O O   . PHE A 1 12 ? -1.591  4.753   1.562   1.00 27.74 ? 12  PHE A O   1 
ATOM   90  C CB  . PHE A 1 12 ? 1.356   5.678   2.808   1.00 29.22 ? 12  PHE A CB  1 
ATOM   91  C CG  . PHE A 1 12 ? 1.183   4.287   3.287   1.00 29.45 ? 12  PHE A CG  1 
ATOM   92  C CD1 . PHE A 1 12 ? 0.182   3.983   4.187   1.00 31.16 ? 12  PHE A CD1 1 
ATOM   93  C CD2 . PHE A 1 12 ? 2.007   3.264   2.828   1.00 28.76 ? 12  PHE A CD2 1 
ATOM   94  C CE1 . PHE A 1 12 ? -0.005  2.680   4.644   1.00 32.80 ? 12  PHE A CE1 1 
ATOM   95  C CE2 . PHE A 1 12 ? 1.826   1.960   3.275   1.00 30.51 ? 12  PHE A CE2 1 
ATOM   96  C CZ  . PHE A 1 12 ? 0.802   1.669   4.177   1.00 30.12 ? 12  PHE A CZ  1 
ATOM   97  N N   . GLU A 1 13 ? -1.571  6.625   2.779   1.00 32.22 ? 13  GLU A N   1 
ATOM   98  C CA  . GLU A 1 13 ? -2.910  6.321   3.261   1.00 35.62 ? 13  GLU A CA  1 
ATOM   99  C C   . GLU A 1 13 ? -3.936  6.396   2.134   1.00 34.31 ? 13  GLU A C   1 
ATOM   100 O O   . GLU A 1 13 ? -4.834  5.553   2.064   1.00 35.52 ? 13  GLU A O   1 
ATOM   101 C CB  . GLU A 1 13 ? -3.208  7.216   4.476   1.00 40.11 ? 13  GLU A CB  1 
ATOM   102 C CG  . GLU A 1 13 ? -2.797  6.465   5.755   1.00 43.21 ? 13  GLU A CG  1 
ATOM   103 C CD  . GLU A 1 13 ? -2.765  7.281   7.048   1.00 49.95 ? 13  GLU A CD  1 
ATOM   104 O OE1 . GLU A 1 13 ? -3.481  8.303   7.143   1.00 49.34 ? 13  GLU A OE1 1 
ATOM   105 O OE2 . GLU A 1 13 ? -2.057  6.838   7.993   1.00 47.62 ? 13  GLU A OE2 1 
ATOM   106 N N   . ASN A 1 14 ? -3.756  7.301   1.176   1.00 32.49 ? 14  ASN A N   1 
ATOM   107 C CA  . ASN A 1 14 ? -4.664  7.333   0.034   1.00 34.13 ? 14  ASN A CA  1 
ATOM   108 C C   . ASN A 1 14 ? -4.407  6.198   -0.946  1.00 35.96 ? 14  ASN A C   1 
ATOM   109 O O   . ASN A 1 14 ? -5.355  5.596   -1.460  1.00 37.51 ? 14  ASN A O   1 
ATOM   110 C CB  . ASN A 1 14 ? -4.545  8.677   -0.673  1.00 38.74 ? 14  ASN A CB  1 
ATOM   111 C CG  . ASN A 1 14 ? -5.473  9.692   -0.098  1.00 45.30 ? 14  ASN A CG  1 
ATOM   112 O OD1 . ASN A 1 14 ? -6.175  9.415   0.879   1.00 49.67 ? 14  ASN A OD1 1 
ATOM   113 N ND2 . ASN A 1 14 ? -5.462  10.888  -0.654  1.00 50.77 ? 14  ASN A ND2 1 
ATOM   114 N N   . ALA A 1 15 ? -3.140  5.895   -1.221  1.00 28.85 ? 15  ALA A N   1 
ATOM   115 C CA  . ALA A 1 15 ? -2.820  4.914   -2.243  1.00 29.13 ? 15  ALA A CA  1 
ATOM   116 C C   . ALA A 1 15 ? -3.167  3.498   -1.818  1.00 26.09 ? 15  ALA A C   1 
ATOM   117 O O   . ALA A 1 15 ? -3.369  2.637   -2.675  1.00 27.96 ? 15  ALA A O   1 
ATOM   118 C CB  . ALA A 1 15 ? -1.340  5.002   -2.607  1.00 31.19 ? 15  ALA A CB  1 
ATOM   119 N N   . ALA A 1 16 ? -3.218  3.217   -0.514  1.00 27.48 ? 16  ALA A N   1 
ATOM   120 C CA  . ALA A 1 16 ? -3.426  1.839   -0.097  1.00 28.43 ? 16  ALA A CA  1 
ATOM   121 C C   . ALA A 1 16 ? -4.788  1.322   -0.525  1.00 28.33 ? 16  ALA A C   1 
ATOM   122 O O   . ALA A 1 16 ? -4.954  0.113   -0.676  1.00 29.56 ? 16  ALA A O   1 
ATOM   123 C CB  . ALA A 1 16 ? -3.247  1.711   1.422   1.00 29.07 ? 16  ALA A CB  1 
ATOM   124 N N   . ALA A 1 17 ? -5.744  2.211   -0.752  1.00 29.48 ? 17  ALA A N   1 
ATOM   125 C CA  . ALA A 1 17 ? -7.055  1.826   -1.231  1.00 32.18 ? 17  ALA A CA  1 
ATOM   126 C C   . ALA A 1 17 ? -7.160  1.852   -2.746  1.00 36.46 ? 17  ALA A C   1 
ATOM   127 O O   . ALA A 1 17 ? -8.210  1.482   -3.275  1.00 38.35 ? 17  ALA A O   1 
ATOM   128 C CB  . ALA A 1 17 ? -8.117  2.738   -0.622  1.00 32.94 ? 17  ALA A CB  1 
ATOM   129 N N   . GLY A 1 18 ? -6.097  2.240   -3.457  1.00 33.77 ? 18  GLY A N   1 
ATOM   130 C CA  . GLY A 1 18 ? -6.129  2.358   -4.895  1.00 31.93 ? 18  GLY A CA  1 
ATOM   131 C C   . GLY A 1 18 ? -5.275  1.333   -5.627  1.00 30.31 ? 18  GLY A C   1 
ATOM   132 O O   . GLY A 1 18 ? -4.697  0.414   -5.043  1.00 29.48 ? 18  GLY A O   1 
ATOM   133 N N   . THR A 1 19 ? -5.186  1.530   -6.942  1.00 28.95 ? 19  THR A N   1 
ATOM   134 C CA  . THR A 1 19 ? -4.446  0.673   -7.862  1.00 29.15 ? 19  THR A CA  1 
ATOM   135 C C   . THR A 1 19 ? -3.359  1.477   -8.549  1.00 27.78 ? 19  THR A C   1 
ATOM   136 O O   . THR A 1 19 ? -3.649  2.508   -9.173  1.00 30.76 ? 19  THR A O   1 
ATOM   137 C CB  . THR A 1 19 ? -5.373  0.100   -8.953  1.00 34.27 ? 19  THR A CB  1 
ATOM   138 O OG1 . THR A 1 19 ? -6.293  -0.812  -8.365  1.00 34.50 ? 19  THR A OG1 1 
ATOM   139 C CG2 . THR A 1 19 ? -4.556  -0.612  -9.992  1.00 30.96 ? 19  THR A CG2 1 
ATOM   140 N N   . PHE A 1 20 ? -2.127  0.985   -8.492  1.00 25.01 ? 20  PHE A N   1 
ATOM   141 C CA  . PHE A 1 20 ? -1.028  1.647   -9.179  1.00 28.11 ? 20  PHE A CA  1 
ATOM   142 C C   . PHE A 1 20 ? 0.133   0.665   -9.316  1.00 27.13 ? 20  PHE A C   1 
ATOM   143 O O   . PHE A 1 20 ? 0.229   -0.325  -8.588  1.00 27.27 ? 20  PHE A O   1 
ATOM   144 C CB  . PHE A 1 20 ? -0.571  2.913   -8.424  1.00 29.56 ? 20  PHE A CB  1 
ATOM   145 C CG  . PHE A 1 20 ? -0.091  2.624   -7.035  1.00 28.20 ? 20  PHE A CG  1 
ATOM   146 C CD1 . PHE A 1 20 ? -1.000  2.546   -5.999  1.00 27.63 ? 20  PHE A CD1 1 
ATOM   147 C CD2 . PHE A 1 20 ? 1.245   2.361   -6.788  1.00 27.95 ? 20  PHE A CD2 1 
ATOM   148 C CE1 . PHE A 1 20 ? -0.580  2.227   -4.734  1.00 26.99 ? 20  PHE A CE1 1 
ATOM   149 C CE2 . PHE A 1 20 ? 1.665   2.051   -5.533  1.00 28.65 ? 20  PHE A CE2 1 
ATOM   150 C CZ  . PHE A 1 20 ? 0.744   1.974   -4.507  1.00 27.34 ? 20  PHE A CZ  1 
ATOM   151 N N   . VAL A 1 21 ? 1.023   0.957   -10.255 1.00 25.75 ? 21  VAL A N   1 
ATOM   152 C CA  . VAL A 1 21 ? 2.251   0.188   -10.395 1.00 26.78 ? 21  VAL A CA  1 
ATOM   153 C C   . VAL A 1 21 ? 3.255   0.691   -9.357  1.00 26.85 ? 21  VAL A C   1 
ATOM   154 O O   . VAL A 1 21 ? 3.597   1.882   -9.336  1.00 27.81 ? 21  VAL A O   1 
ATOM   155 C CB  . VAL A 1 21 ? 2.824   0.307   -11.812 1.00 31.02 ? 21  VAL A CB  1 
ATOM   156 C CG1 . VAL A 1 21 ? 4.163   -0.413  -11.881 1.00 29.69 ? 21  VAL A CG1 1 
ATOM   157 C CG2 . VAL A 1 21 ? 1.842   -0.235  -12.851 1.00 29.35 ? 21  VAL A CG2 1 
ATOM   158 N N   . LEU A 1 22 ? 3.716   -0.208  -8.493  1.00 23.00 ? 22  LEU A N   1 
ATOM   159 C CA  . LEU A 1 22 ? 4.765   0.091   -7.521  1.00 26.32 ? 22  LEU A CA  1 
ATOM   160 C C   . LEU A 1 22 ? 6.118   -0.058  -8.214  1.00 28.24 ? 22  LEU A C   1 
ATOM   161 O O   . LEU A 1 22 ? 6.640   -1.163  -8.333  1.00 31.92 ? 22  LEU A O   1 
ATOM   162 C CB  . LEU A 1 22 ? 4.652   -0.832  -6.318  1.00 25.26 ? 22  LEU A CB  1 
ATOM   163 C CG  . LEU A 1 22 ? 5.644   -0.594  -5.166  1.00 28.62 ? 22  LEU A CG  1 
ATOM   164 C CD1 . LEU A 1 22 ? 5.621   0.856   -4.726  1.00 28.53 ? 22  LEU A CD1 1 
ATOM   165 C CD2 . LEU A 1 22 ? 5.407   -1.533  -3.976  1.00 30.79 ? 22  LEU A CD2 1 
ATOM   166 N N   . ASP A 1 23 ? 6.674   1.054   -8.691  1.00 27.54 ? 23  ASP A N   1 
ATOM   167 C CA  . ASP A 1 23 ? 8.035   1.138   -9.212  1.00 29.38 ? 23  ASP A CA  1 
ATOM   168 C C   . ASP A 1 23 ? 8.828   2.056   -8.292  1.00 30.96 ? 23  ASP A C   1 
ATOM   169 O O   . ASP A 1 23 ? 8.316   2.512   -7.266  1.00 27.43 ? 23  ASP A O   1 
ATOM   170 C CB  . ASP A 1 23 ? 8.025   1.628   -10.663 1.00 31.36 ? 23  ASP A CB  1 
ATOM   171 C CG  . ASP A 1 23 ? 7.346   2.993   -10.841 1.00 38.37 ? 23  ASP A CG  1 
ATOM   172 O OD1 . ASP A 1 23 ? 7.279   3.818   -9.893  1.00 31.70 ? 23  ASP A OD1 1 
ATOM   173 O OD2 . ASP A 1 23 ? 6.818   3.228   -11.954 1.00 44.16 ? 23  ASP A OD2 1 
ATOM   174 N N   . MET A 1 24 ? 10.074  2.373   -8.661  1.00 30.39 ? 24  MET A N   1 
ATOM   175 C CA  . MET A 1 24 ? 10.874  3.099   -7.670  1.00 29.45 ? 24  MET A CA  1 
ATOM   176 C C   . MET A 1 24 ? 10.348  4.512   -7.403  1.00 27.40 ? 24  MET A C   1 
ATOM   177 O O   . MET A 1 24 ? 10.571  5.051   -6.308  1.00 28.30 ? 24  MET A O   1 
ATOM   178 C CB  . MET A 1 24 ? 12.360  3.232   -8.044  1.00 32.34 ? 24  MET A CB  1 
ATOM   179 C CG  . MET A 1 24 ? 12.655  3.887   -9.358  1.00 32.64 ? 24  MET A CG  1 
ATOM   180 S SD  . MET A 1 24 ? 14.402  3.629   -9.807  1.00 36.19 ? 24  MET A SD  1 
ATOM   181 C CE  . MET A 1 24 ? 14.513  4.682   -11.243 1.00 41.12 ? 24  MET A CE  1 
ATOM   182 N N   . TYR A 1 25 ? 9.729   5.160   -8.402  1.00 28.02 ? 25  TYR A N   1 
ATOM   183 C CA  . TYR A 1 25 ? 9.222   6.515   -8.199  1.00 31.00 ? 25  TYR A CA  1 
ATOM   184 C C   . TYR A 1 25 ? 7.979   6.521   -7.311  1.00 27.36 ? 25  TYR A C   1 
ATOM   185 O O   . TYR A 1 25 ? 7.832   7.379   -6.427  1.00 25.81 ? 25  TYR A O   1 
ATOM   186 C CB  . TYR A 1 25 ? 8.949   7.197   -9.548  1.00 35.78 ? 25  TYR A CB  1 
ATOM   187 C CG  . TYR A 1 25 ? 10.177  7.238   -10.444 1.00 37.31 ? 25  TYR A CG  1 
ATOM   188 C CD1 . TYR A 1 25 ? 11.160  8.199   -10.234 1.00 40.18 ? 25  TYR A CD1 1 
ATOM   189 C CD2 . TYR A 1 25 ? 10.347  6.340   -11.487 1.00 40.83 ? 25  TYR A CD2 1 
ATOM   190 C CE1 . TYR A 1 25 ? 12.305  8.263   -11.031 1.00 40.32 ? 25  TYR A CE1 1 
ATOM   191 C CE2 . TYR A 1 25 ? 11.482  6.397   -12.297 1.00 44.50 ? 25  TYR A CE2 1 
ATOM   192 C CZ  . TYR A 1 25 ? 12.456  7.362   -12.049 1.00 45.13 ? 25  TYR A CZ  1 
ATOM   193 O OH  . TYR A 1 25 ? 13.573  7.409   -12.842 1.00 53.48 ? 25  TYR A OH  1 
ATOM   194 N N   . ALA A 1 26 ? 7.084   5.562   -7.512  1.00 26.18 ? 26  ALA A N   1 
ATOM   195 C CA  . ALA A 1 26 ? 5.964   5.433   -6.588  1.00 26.27 ? 26  ALA A CA  1 
ATOM   196 C C   . ALA A 1 26 ? 6.459   5.147   -5.186  1.00 23.97 ? 26  ALA A C   1 
ATOM   197 O O   . ALA A 1 26 ? 5.946   5.711   -4.216  1.00 24.48 ? 26  ALA A O   1 
ATOM   198 C CB  . ALA A 1 26 ? 5.019   4.331   -7.044  1.00 29.95 ? 26  ALA A CB  1 
ATOM   199 N N   . TYR A 1 27 ? 7.444   4.261   -5.057  1.00 25.25 ? 27  TYR A N   1 
ATOM   200 C CA  . TYR A 1 27 ? 7.968   3.898   -3.742  1.00 24.53 ? 27  TYR A CA  1 
ATOM   201 C C   . TYR A 1 27 ? 8.520   5.119   -3.038  1.00 25.74 ? 27  TYR A C   1 
ATOM   202 O O   . TYR A 1 27 ? 8.241   5.348   -1.849  1.00 26.18 ? 27  TYR A O   1 
ATOM   203 C CB  . TYR A 1 27 ? 9.061   2.835   -3.866  1.00 26.62 ? 27  TYR A CB  1 
ATOM   204 C CG  . TYR A 1 27 ? 9.483   2.280   -2.522  1.00 28.77 ? 27  TYR A CG  1 
ATOM   205 C CD1 . TYR A 1 27 ? 10.367  2.967   -1.708  1.00 27.98 ? 27  TYR A CD1 1 
ATOM   206 C CD2 . TYR A 1 27 ? 8.977   1.085   -2.059  1.00 30.41 ? 27  TYR A CD2 1 
ATOM   207 C CE1 . TYR A 1 27 ? 10.732  2.478   -0.455  1.00 29.82 ? 27  TYR A CE1 1 
ATOM   208 C CE2 . TYR A 1 27 ? 9.345   0.584   -0.815  1.00 29.83 ? 27  TYR A CE2 1 
ATOM   209 C CZ  . TYR A 1 27 ? 10.219  1.294   -0.023  1.00 28.70 ? 27  TYR A CZ  1 
ATOM   210 O OH  . TYR A 1 27 ? 10.570  0.816   1.220   1.00 30.12 ? 27  TYR A OH  1 
ATOM   211 N N   . GLU A 1 28 ? 9.304   5.927   -3.762  1.00 23.93 ? 28  GLU A N   1 
ATOM   212 C CA  . GLU A 1 28 ? 9.879   7.131   -3.180  1.00 25.22 ? 28  GLU A CA  1 
ATOM   213 C C   . GLU A 1 28 ? 8.777   8.040   -2.636  1.00 28.23 ? 28  GLU A C   1 
ATOM   214 O O   . GLU A 1 28 ? 8.864   8.556   -1.507  1.00 27.14 ? 28  GLU A O   1 
ATOM   215 C CB  . GLU A 1 28 ? 10.729  7.859   -4.238  1.00 26.49 ? 28  GLU A CB  1 
ATOM   216 C CG  . GLU A 1 28 ? 10.926  9.346   -3.953  1.00 29.56 ? 28  GLU A CG  1 
ATOM   217 C CD  . GLU A 1 28 ? 11.755  10.077  -5.015  1.00 32.03 ? 28  GLU A CD  1 
ATOM   218 O OE1 . GLU A 1 28 ? 12.992  9.927   -5.090  1.00 36.47 ? 28  GLU A OE1 1 
ATOM   219 O OE2 . GLU A 1 28 ? 11.137  10.777  -5.822  1.00 37.09 ? 28  GLU A OE2 1 
ATOM   220 N N   . ARG A 1 29 ? 7.702   8.199   -3.400  1.00 25.09 ? 29  ARG A N   1 
ATOM   221 C CA  . ARG A 1 29 ? 6.619   9.069   -2.970  1.00 27.15 ? 29  ARG A CA  1 
ATOM   222 C C   . ARG A 1 29 ? 5.884   8.490   -1.767  1.00 28.13 ? 29  ARG A C   1 
ATOM   223 O O   . ARG A 1 29 ? 5.627   9.205   -0.793  1.00 28.47 ? 29  ARG A O   1 
ATOM   224 C CB  . ARG A 1 29 ? 5.697   9.355   -4.168  1.00 28.81 ? 29  ARG A CB  1 
ATOM   225 C CG  . ARG A 1 29 ? 4.294   9.792   -3.854  1.00 36.31 ? 29  ARG A CG  1 
ATOM   226 C CD  . ARG A 1 29 ? 4.190   11.318  -3.888  1.00 39.72 ? 29  ARG A CD  1 
ATOM   227 N NE  . ARG A 1 29 ? 4.911   11.811  -2.718  1.00 43.16 ? 29  ARG A NE  1 
ATOM   228 C CZ  . ARG A 1 29 ? 4.368   12.002  -1.517  1.00 44.09 ? 29  ARG A CZ  1 
ATOM   229 N NH1 . ARG A 1 29 ? 3.056   11.954  -1.329  1.00 39.30 ? 29  ARG A NH1 1 
ATOM   230 N NH2 . ARG A 1 29 ? 5.166   12.192  -0.469  1.00 36.52 ? 29  ARG A NH2 1 
ATOM   231 N N   . LEU A 1 30 ? 5.591   7.187   -1.777  1.00 24.81 ? 30  LEU A N   1 
ATOM   232 C CA  . LEU A 1 30 ? 4.921   6.573   -0.635  1.00 24.66 ? 30  LEU A CA  1 
ATOM   233 C C   . LEU A 1 30 ? 5.768   6.641   0.637   1.00 27.78 ? 30  LEU A C   1 
ATOM   234 O O   . LEU A 1 30 ? 5.257   6.922   1.731   1.00 26.69 ? 30  LEU A O   1 
ATOM   235 C CB  . LEU A 1 30 ? 4.611   5.116   -0.954  1.00 27.45 ? 30  LEU A CB  1 
ATOM   236 C CG  . LEU A 1 30 ? 3.572   4.883   -2.041  1.00 24.37 ? 30  LEU A CG  1 
ATOM   237 C CD1 . LEU A 1 30 ? 3.695   3.432   -2.470  1.00 27.30 ? 30  LEU A CD1 1 
ATOM   238 C CD2 . LEU A 1 30 ? 2.202   5.192   -1.514  1.00 28.11 ? 30  LEU A CD2 1 
ATOM   239 N N   . ALA A 1 31 ? 7.051   6.294   0.528   1.00 25.63 ? 31  ALA A N   1 
ATOM   240 C CA  . ALA A 1 31 ? 7.904   6.167   1.708   1.00 26.99 ? 31  ALA A CA  1 
ATOM   241 C C   . ALA A 1 31 ? 8.121   7.506   2.383   1.00 28.84 ? 31  ALA A C   1 
ATOM   242 O O   . ALA A 1 31 ? 8.337   7.564   3.596   1.00 32.81 ? 31  ALA A O   1 
ATOM   243 C CB  . ALA A 1 31 ? 9.251   5.563   1.315   1.00 26.99 ? 31  ALA A CB  1 
ATOM   244 N N   . ASN A 1 32 ? 8.052   8.585   1.627   1.00 29.00 ? 32  ASN A N   1 
ATOM   245 C CA  . ASN A 1 32 ? 8.192   9.915   2.176   1.00 34.20 ? 32  ASN A CA  1 
ATOM   246 C C   . ASN A 1 32 ? 6.875   10.496  2.676   1.00 33.85 ? 32  ASN A C   1 
ATOM   247 O O   . ASN A 1 32 ? 6.839   11.662  3.077   1.00 34.11 ? 32  ASN A O   1 
ATOM   248 C CB  . ASN A 1 32 ? 8.840   10.798  1.132   1.00 32.32 ? 32  ASN A CB  1 
ATOM   249 C CG  . ASN A 1 32 ? 10.329  10.558  1.069   1.00 36.03 ? 32  ASN A CG  1 
ATOM   250 O OD1 . ASN A 1 32 ? 11.083  11.101  1.876   1.00 34.19 ? 32  ASN A OD1 1 
ATOM   251 N ND2 . ASN A 1 32 ? 10.753  9.670   0.174   1.00 29.05 ? 32  ASN A ND2 1 
ATOM   252 N N   . SER A 1 33 ? 5.801   9.705   2.704   1.00 29.81 ? 33  SER A N   1 
ATOM   253 C CA  . SER A 1 33 ? 4.530   10.162  3.257   1.00 29.44 ? 33  SER A CA  1 
ATOM   254 C C   . SER A 1 33 ? 4.117   9.416   4.520   1.00 32.58 ? 33  SER A C   1 
ATOM   255 O O   . SER A 1 33 ? 2.999   9.618   5.011   1.00 35.00 ? 33  SER A O   1 
ATOM   256 C CB  . SER A 1 33 ? 3.438   10.039  2.199   1.00 29.90 ? 33  SER A CB  1 
ATOM   257 O OG  . SER A 1 33 ? 3.161   8.685   1.997   1.00 28.63 ? 33  SER A OG  1 
ATOM   258 N N   . ILE A 1 34 ? 4.975   8.554   5.056   1.00 29.66 ? 34  ILE A N   1 
ATOM   259 C CA  . ILE A 1 34 ? 4.652   7.760   6.235   1.00 31.05 ? 34  ILE A CA  1 
ATOM   260 C C   . ILE A 1 34 ? 5.959   7.448   6.940   1.00 32.61 ? 34  ILE A C   1 
ATOM   261 O O   . ILE A 1 34 ? 7.005   7.342   6.301   1.00 30.91 ? 34  ILE A O   1 
ATOM   262 C CB  . ILE A 1 34 ? 3.889   6.460   5.885   1.00 31.35 ? 34  ILE A CB  1 
ATOM   263 C CG1 . ILE A 1 34 ? 3.523   5.703   7.153   1.00 32.15 ? 34  ILE A CG1 1 
ATOM   264 C CG2 . ILE A 1 34 ? 4.716   5.562   4.951   1.00 31.77 ? 34  ILE A CG2 1 
ATOM   265 C CD1 . ILE A 1 34 ? 2.156   5.081   7.112   1.00 35.45 ? 34  ILE A CD1 1 
ATOM   266 N N   . SER A 1 35 ? 5.908   7.319   8.266   1.00 34.79 ? 35  SER A N   1 
ATOM   267 C CA  . SER A 1 35 ? 7.129   7.062   9.012   1.00 38.62 ? 35  SER A CA  1 
ATOM   268 C C   . SER A 1 35 ? 7.514   5.596   8.886   1.00 38.93 ? 35  SER A C   1 
ATOM   269 O O   . SER A 1 35 ? 6.665   4.724   8.664   1.00 36.04 ? 35  SER A O   1 
ATOM   270 C CB  . SER A 1 35 ? 6.959   7.430   10.486  1.00 39.05 ? 35  SER A CB  1 
ATOM   271 O OG  . SER A 1 35 ? 6.014   6.578   11.111  1.00 40.91 ? 35  SER A OG  1 
ATOM   272 N N   . THR A 1 36 ? 8.818   5.326   8.987   1.00 42.96 ? 36  THR A N   1 
ATOM   273 C CA  . THR A 1 36 ? 9.259   3.937   8.999   1.00 39.31 ? 36  THR A CA  1 
ATOM   274 C C   . THR A 1 36 ? 8.596   3.178   10.137  1.00 36.90 ? 36  THR A C   1 
ATOM   275 O O   . THR A 1 36 ? 8.234   2.012   9.980   1.00 37.51 ? 36  THR A O   1 
ATOM   276 C CB  . THR A 1 36 ? 10.778  3.843   9.122   1.00 46.03 ? 36  THR A CB  1 
ATOM   277 O OG1 . THR A 1 36 ? 11.405  4.709   8.176   1.00 46.31 ? 36  THR A OG1 1 
ATOM   278 C CG2 . THR A 1 36 ? 11.224  2.417   8.885   1.00 48.06 ? 36  THR A CG2 1 
ATOM   279 N N   . GLU A 1 37 ? 8.411   3.828   11.286  1.00 38.25 ? 37  GLU A N   1 
ATOM   280 C CA  . GLU A 1 37 ? 7.750   3.164   12.406  1.00 42.79 ? 37  GLU A CA  1 
ATOM   281 C C   . GLU A 1 37 ? 6.338   2.726   12.036  1.00 40.28 ? 37  GLU A C   1 
ATOM   282 O O   . GLU A 1 37 ? 5.959   1.567   12.244  1.00 40.94 ? 37  GLU A O   1 
ATOM   283 C CB  . GLU A 1 37 ? 7.717   4.096   13.616  1.00 50.43 ? 37  GLU A CB  1 
ATOM   284 C CG  . GLU A 1 37 ? 6.860   3.608   14.794  1.00 55.09 ? 37  GLU A CG  1 
ATOM   285 C CD  . GLU A 1 37 ? 7.642   2.784   15.817  1.00 62.08 ? 37  GLU A CD  1 
ATOM   286 O OE1 . GLU A 1 37 ? 7.880   1.583   15.542  1.00 62.15 ? 37  GLU A OE1 1 
ATOM   287 O OE2 . GLU A 1 37 ? 7.987   3.323   16.901  1.00 63.76 ? 37  GLU A OE2 1 
ATOM   288 N N   . LYS A 1 38 ? 5.534   3.649   11.505  1.00 36.41 ? 38  LYS A N   1 
ATOM   289 C CA  . LYS A 1 38 ? 4.164   3.299   11.148  1.00 36.89 ? 38  LYS A CA  1 
ATOM   290 C C   . LYS A 1 38 ? 4.126   2.232   10.060  1.00 35.72 ? 38  LYS A C   1 
ATOM   291 O O   . LYS A 1 38 ? 3.281   1.330   10.091  1.00 36.17 ? 38  LYS A O   1 
ATOM   292 C CB  . LYS A 1 38 ? 3.424   4.542   10.696  1.00 38.92 ? 38  LYS A CB  1 
ATOM   293 C CG  . LYS A 1 38 ? 1.940   4.511   10.929  1.00 38.76 ? 38  LYS A CG  1 
ATOM   294 C CD  . LYS A 1 38 ? 1.580   4.238   12.355  1.00 44.07 ? 38  LYS A CD  1 
ATOM   295 C CE  . LYS A 1 38 ? 0.086   4.216   12.498  1.00 44.68 ? 38  LYS A CE  1 
ATOM   296 N NZ  . LYS A 1 38 ? -0.267  4.898   13.760  1.00 51.78 ? 38  LYS A NZ  1 
ATOM   297 N N   . LEU A 1 39 ? 5.022   2.330   9.078   1.00 34.01 ? 39  LEU A N   1 
ATOM   298 C CA  . LEU A 1 39 ? 5.079   1.328   8.016   1.00 35.82 ? 39  LEU A CA  1 
ATOM   299 C C   . LEU A 1 39 ? 5.319   -0.073  8.570   1.00 37.70 ? 39  LEU A C   1 
ATOM   300 O O   . LEU A 1 39 ? 4.654   -1.034  8.171   1.00 37.31 ? 39  LEU A O   1 
ATOM   301 C CB  . LEU A 1 39 ? 6.169   1.707   7.026   1.00 37.41 ? 39  LEU A CB  1 
ATOM   302 C CG  . LEU A 1 39 ? 6.107   1.011   5.678   1.00 38.72 ? 39  LEU A CG  1 
ATOM   303 C CD1 . LEU A 1 39 ? 4.748   1.173   5.061   1.00 38.41 ? 39  LEU A CD1 1 
ATOM   304 C CD2 . LEU A 1 39 ? 7.171   1.611   4.783   1.00 39.67 ? 39  LEU A CD2 1 
ATOM   305 N N   . ARG A 1 40 ? 6.261   -0.211  9.506   1.00 40.78 ? 40  ARG A N   1 
ATOM   306 C CA  . ARG A 1 40 ? 6.497   -1.517  10.114  1.00 38.07 ? 40  ARG A CA  1 
ATOM   307 C C   . ARG A 1 40 ? 5.273   -2.004  10.860  1.00 39.35 ? 40  ARG A C   1 
ATOM   308 O O   . ARG A 1 40 ? 4.915   -3.179  10.770  1.00 38.65 ? 40  ARG A O   1 
ATOM   309 C CB  . ARG A 1 40 ? 7.682   -1.464  11.069  1.00 44.58 ? 40  ARG A CB  1 
ATOM   310 C CG  . ARG A 1 40 ? 8.963   -1.991  10.454  1.00 53.47 ? 40  ARG A CG  1 
ATOM   311 C CD  . ARG A 1 40 ? 9.862   -0.827  10.107  1.00 58.26 ? 40  ARG A CD  1 
ATOM   312 N NE  . ARG A 1 40 ? 10.997  -1.198  9.271   1.00 70.15 ? 40  ARG A NE  1 
ATOM   313 C CZ  . ARG A 1 40 ? 12.257  -1.217  9.681   1.00 73.77 ? 40  ARG A CZ  1 
ATOM   314 N NH1 . ARG A 1 40 ? 12.579  -0.946  10.938  1.00 72.44 ? 40  ARG A NH1 1 
ATOM   315 N NH2 . ARG A 1 40 ? 13.221  -1.509  8.807   1.00 74.22 ? 40  ARG A NH2 1 
ATOM   316 N N   . GLN A 1 41 ? 4.632   -1.118  11.614  1.00 39.15 ? 41  GLN A N   1 
ATOM   317 C CA  . GLN A 1 41 ? 3.436   -1.503  12.360  1.00 39.08 ? 41  GLN A CA  1 
ATOM   318 C C   . GLN A 1 41 ? 2.368   -2.092  11.440  1.00 39.63 ? 41  GLN A C   1 
ATOM   319 O O   . GLN A 1 41 ? 1.836   -3.181  11.696  1.00 40.86 ? 41  GLN A O   1 
ATOM   320 C CB  . GLN A 1 41 ? 2.914   -0.286  13.116  1.00 40.16 ? 41  GLN A CB  1 
ATOM   321 C CG  . GLN A 1 41 ? 1.702   -0.529  14.004  1.00 49.61 ? 41  GLN A CG  1 
ATOM   322 C CD  . GLN A 1 41 ? 1.227   0.762   14.656  1.00 53.18 ? 41  GLN A CD  1 
ATOM   323 O OE1 . GLN A 1 41 ? 2.033   1.511   15.220  1.00 56.42 ? 41  GLN A OE1 1 
ATOM   324 N NE2 . GLN A 1 41 ? -0.075  1.056   14.535  1.00 51.87 ? 41  GLN A NE2 1 
ATOM   325 N N   . TYR A 1 42 ? 2.054   -1.398  10.341  1.00 36.85 ? 42  TYR A N   1 
ATOM   326 C CA  . TYR A 1 42 ? 1.084   -1.944  9.405   1.00 36.27 ? 42  TYR A CA  1 
ATOM   327 C C   . TYR A 1 42 ? 1.584   -3.249  8.805   1.00 34.04 ? 42  TYR A C   1 
ATOM   328 O O   . TYR A 1 42 ? 0.813   -4.208  8.670   1.00 36.88 ? 42  TYR A O   1 
ATOM   329 C CB  . TYR A 1 42 ? 0.761   -0.931  8.305   1.00 34.55 ? 42  TYR A CB  1 
ATOM   330 C CG  . TYR A 1 42 ? 0.081   0.357   8.753   1.00 34.72 ? 42  TYR A CG  1 
ATOM   331 C CD1 . TYR A 1 42 ? -1.008  0.348   9.615   1.00 34.90 ? 42  TYR A CD1 1 
ATOM   332 C CD2 . TYR A 1 42 ? 0.472   1.583   8.220   1.00 34.62 ? 42  TYR A CD2 1 
ATOM   333 C CE1 . TYR A 1 42 ? -1.643  1.539   9.984   1.00 39.62 ? 42  TYR A CE1 1 
ATOM   334 C CE2 . TYR A 1 42 ? -0.150  2.760   8.579   1.00 36.40 ? 42  TYR A CE2 1 
ATOM   335 C CZ  . TYR A 1 42 ? -1.201  2.740   9.459   1.00 41.13 ? 42  TYR A CZ  1 
ATOM   336 O OH  . TYR A 1 42 ? -1.802  3.936   9.783   1.00 41.19 ? 42  TYR A OH  1 
ATOM   337 N N   . ALA A 1 43 ? 2.867   -3.309  8.444   1.00 33.76 ? 43  ALA A N   1 
ATOM   338 C CA  . ALA A 1 43 ? 3.406   -4.504  7.814   1.00 35.32 ? 43  ALA A CA  1 
ATOM   339 C C   . ALA A 1 43 ? 3.283   -5.715  8.730   1.00 36.83 ? 43  ALA A C   1 
ATOM   340 O O   . ALA A 1 43 ? 3.037   -6.833  8.262   1.00 38.10 ? 43  ALA A O   1 
ATOM   341 C CB  . ALA A 1 43 ? 4.870   -4.268  7.422   1.00 37.57 ? 43  ALA A CB  1 
ATOM   342 N N   . SER A 1 44 ? 3.420   -5.505  10.040  1.00 41.03 ? 44  SER A N   1 
ATOM   343 C CA  . SER A 1 44 ? 3.309   -6.596  11.005  1.00 41.56 ? 44  SER A CA  1 
ATOM   344 C C   . SER A 1 44 ? 1.910   -7.185  11.066  1.00 43.26 ? 44  SER A C   1 
ATOM   345 O O   . SER A 1 44 ? 1.752   -8.301  11.573  1.00 45.31 ? 44  SER A O   1 
ATOM   346 C CB  . SER A 1 44 ? 3.729   -6.112  12.401  1.00 39.80 ? 44  SER A CB  1 
ATOM   347 O OG  . SER A 1 44 ? 2.830   -5.129  12.911  1.00 41.20 ? 44  SER A OG  1 
ATOM   348 N N   . THR A 1 45 ? 0.890   -6.478  10.577  1.00 41.46 ? 45  THR A N   1 
ATOM   349 C CA  . THR A 1 45 ? -0.462  -7.023  10.592  1.00 39.56 ? 45  THR A CA  1 
ATOM   350 C C   . THR A 1 45 ? -0.829  -7.740  9.295   1.00 41.85 ? 45  THR A C   1 
ATOM   351 O O   . THR A 1 45 ? -1.984  -8.159  9.145   1.00 41.33 ? 45  THR A O   1 
ATOM   352 C CB  . THR A 1 45 ? -1.496  -5.925  10.893  1.00 39.93 ? 45  THR A CB  1 
ATOM   353 O OG1 . THR A 1 45 ? -1.638  -5.041  9.774   1.00 42.57 ? 45  THR A OG1 1 
ATOM   354 C CG2 . THR A 1 45 ? -1.095  -5.130  12.094  1.00 36.57 ? 45  THR A CG2 1 
ATOM   355 N N   . TYR A 1 46 ? 0.124   -7.920  8.369   1.00 39.07 ? 46  TYR A N   1 
ATOM   356 C CA  . TYR A 1 46 ? -0.221  -8.514  7.080   1.00 38.85 ? 46  TYR A CA  1 
ATOM   357 C C   . TYR A 1 46 ? -0.728  -9.946  7.225   1.00 40.77 ? 46  TYR A C   1 
ATOM   358 O O   . TYR A 1 46 ? -1.741  -10.307 6.615   1.00 41.29 ? 46  TYR A O   1 
ATOM   359 C CB  . TYR A 1 46 ? 0.962   -8.471  6.124   1.00 38.01 ? 46  TYR A CB  1 
ATOM   360 C CG  . TYR A 1 46 ? 0.640   -9.086  4.786   1.00 34.98 ? 46  TYR A CG  1 
ATOM   361 C CD1 . TYR A 1 46 ? -0.209  -8.443  3.892   1.00 36.37 ? 46  TYR A CD1 1 
ATOM   362 C CD2 . TYR A 1 46 ? 1.173   -10.317 4.421   1.00 37.04 ? 46  TYR A CD2 1 
ATOM   363 C CE1 . TYR A 1 46 ? -0.512  -9.007  2.678   1.00 34.92 ? 46  TYR A CE1 1 
ATOM   364 C CE2 . TYR A 1 46 ? 0.887   -10.887 3.210   1.00 39.23 ? 46  TYR A CE2 1 
ATOM   365 C CZ  . TYR A 1 46 ? 0.034   -10.243 2.345   1.00 40.45 ? 46  TYR A CZ  1 
ATOM   366 O OH  . TYR A 1 46 ? -0.243  -10.836 1.136   1.00 39.07 ? 46  TYR A OH  1 
ATOM   367 N N   . ASN A 1 47 ? -0.053  -10.779 8.030   1.00 41.45 ? 47  ASN A N   1 
ATOM   368 C CA  . ASN A 1 47 ? -0.519  -12.154 8.204   1.00 42.90 ? 47  ASN A CA  1 
ATOM   369 C C   . ASN A 1 47 ? -1.978  -12.190 8.627   1.00 42.48 ? 47  ASN A C   1 
ATOM   370 O O   . ASN A 1 47 ? -2.737  -13.076 8.211   1.00 47.97 ? 47  ASN A O   1 
ATOM   371 C CB  . ASN A 1 47 ? 0.336   -12.905 9.228   1.00 47.54 ? 47  ASN A CB  1 
ATOM   372 C CG  . ASN A 1 47 ? 1.716   -13.249 8.703   1.00 52.08 ? 47  ASN A CG  1 
ATOM   373 O OD1 . ASN A 1 47 ? 1.964   -13.224 7.498   1.00 51.12 ? 47  ASN A OD1 1 
ATOM   374 N ND2 . ASN A 1 47 ? 2.613   -13.630 9.608   1.00 56.13 ? 47  ASN A ND2 1 
ATOM   375 N N   . LYS A 1 48 ? -2.396  -11.216 9.434   1.00 42.36 ? 48  LYS A N   1 
ATOM   376 C CA  . LYS A 1 48 ? -3.781  -11.183 9.882   1.00 41.61 ? 48  LYS A CA  1 
ATOM   377 C C   . LYS A 1 48 ? -4.717  -10.823 8.738   1.00 46.69 ? 48  LYS A C   1 
ATOM   378 O O   . LYS A 1 48 ? -5.814  -11.385 8.619   1.00 43.59 ? 48  LYS A O   1 
ATOM   379 C CB  . LYS A 1 48 ? -3.910  -10.201 11.040  1.00 42.53 ? 48  LYS A CB  1 
ATOM   380 C CG  . LYS A 1 48 ? -5.285  -9.617  11.239  1.00 44.78 ? 48  LYS A CG  1 
ATOM   381 C CD  . LYS A 1 48 ? -5.505  -9.276  12.701  1.00 50.10 ? 48  LYS A CD  1 
ATOM   382 C CE  . LYS A 1 48 ? -6.795  -8.487  12.900  1.00 52.99 ? 48  LYS A CE  1 
ATOM   383 N NZ  . LYS A 1 48 ? -8.004  -9.270  12.511  1.00 60.80 ? 48  LYS A NZ  1 
ATOM   384 N N   . TYR A 1 49 ? -4.286  -9.919  7.858   1.00 45.19 ? 49  TYR A N   1 
ATOM   385 C CA  . TYR A 1 49 ? -5.147  -9.364  6.831   1.00 41.28 ? 49  TYR A CA  1 
ATOM   386 C C   . TYR A 1 49 ? -4.914  -9.969  5.456   1.00 41.54 ? 49  TYR A C   1 
ATOM   387 O O   . TYR A 1 49 ? -5.542  -9.518  4.496   1.00 41.10 ? 49  TYR A O   1 
ATOM   388 C CB  . TYR A 1 49 ? -4.950  -7.845  6.754   1.00 41.75 ? 49  TYR A CB  1 
ATOM   389 C CG  . TYR A 1 49 ? -5.483  -7.096  7.946   1.00 42.70 ? 49  TYR A CG  1 
ATOM   390 C CD1 . TYR A 1 49 ? -6.824  -7.167  8.284   1.00 46.96 ? 49  TYR A CD1 1 
ATOM   391 C CD2 . TYR A 1 49 ? -4.649  -6.321  8.737   1.00 39.87 ? 49  TYR A CD2 1 
ATOM   392 C CE1 . TYR A 1 49 ? -7.317  -6.490  9.367   1.00 43.58 ? 49  TYR A CE1 1 
ATOM   393 C CE2 . TYR A 1 49 ? -5.137  -5.641  9.829   1.00 42.80 ? 49  TYR A CE2 1 
ATOM   394 C CZ  . TYR A 1 49 ? -6.477  -5.732  10.135  1.00 45.56 ? 49  TYR A CZ  1 
ATOM   395 O OH  . TYR A 1 49 ? -6.998  -5.063  11.208  1.00 43.03 ? 49  TYR A OH  1 
ATOM   396 N N   . LYS A 1 50 ? -4.059  -10.998 5.353   1.00 39.02 ? 50  LYS A N   1 
ATOM   397 C CA  . LYS A 1 50 ? -3.629  -11.523 4.058   1.00 39.88 ? 50  LYS A CA  1 
ATOM   398 C C   . LYS A 1 50 ? -4.802  -11.986 3.206   1.00 45.29 ? 50  LYS A C   1 
ATOM   399 O O   . LYS A 1 50 ? -4.839  -11.729 1.995   1.00 43.64 ? 50  LYS A O   1 
ATOM   400 C CB  . LYS A 1 50 ? -2.643  -12.667 4.268   1.00 39.22 ? 50  LYS A CB  1 
ATOM   401 C CG  . LYS A 1 50 ? -2.138  -13.268 2.987   1.00 40.27 ? 50  LYS A CG  1 
ATOM   402 C CD  . LYS A 1 50 ? -1.080  -14.328 3.235   1.00 42.11 ? 50  LYS A CD  1 
ATOM   403 C CE  . LYS A 1 50 ? -0.585  -14.924 1.932   1.00 42.33 ? 50  LYS A CE  1 
ATOM   404 N NZ  . LYS A 1 50 ? 0.498   -15.921 2.157   1.00 43.11 ? 50  LYS A NZ  1 
ATOM   405 N N   . TYR A 1 51 ? -5.752  -12.685 3.817   1.00 44.03 ? 51  TYR A N   1 
ATOM   406 C CA  . TYR A 1 51 ? -6.888  -13.221 3.020   1.00 44.96 ? 51  TYR A CA  1 
ATOM   407 C C   . TYR A 1 51 ? -8.158  -12.442 3.359   1.00 49.50 ? 51  TYR A C   1 
ATOM   408 O O   . TYR A 1 51 ? -9.263  -13.017 3.348   1.00 49.93 ? 51  TYR A O   1 
ATOM   409 C CB  . TYR A 1 51 ? -7.033  -14.732 3.205   1.00 37.18 ? 51  TYR A CB  1 
ATOM   410 C CG  . TYR A 1 51 ? -5.868  -15.540 2.666   1.00 41.81 ? 51  TYR A CG  1 
ATOM   411 C CD1 . TYR A 1 51 ? -5.739  -15.784 1.308   1.00 43.84 ? 51  TYR A CD1 1 
ATOM   412 C CD2 . TYR A 1 51 ? -4.902  -16.053 3.518   1.00 38.29 ? 51  TYR A CD2 1 
ATOM   413 C CE1 . TYR A 1 51 ? -4.679  -16.521 0.811   1.00 44.39 ? 51  TYR A CE1 1 
ATOM   414 C CE2 . TYR A 1 51 ? -3.841  -16.794 3.034   1.00 42.18 ? 51  TYR A CE2 1 
ATOM   415 C CZ  . TYR A 1 51 ? -3.729  -17.026 1.676   1.00 42.76 ? 51  TYR A CZ  1 
ATOM   416 O OH  . TYR A 1 51 ? -2.684  -17.752 1.192   1.00 48.34 ? 51  TYR A OH  1 
ATOM   417 N N   . TYR A 1 52 ? -8.004  -11.153 3.638   1.00 43.70 ? 52  TYR A N   1 
ATOM   418 C CA  . TYR A 1 52 ? -9.182  -10.298 3.920   1.00 49.30 ? 52  TYR A CA  1 
ATOM   419 C C   . TYR A 1 52 ? -10.024 -10.208 2.669   1.00 56.47 ? 52  TYR A C   1 
ATOM   420 O O   . TYR A 1 52 ? -9.462  -10.130 1.560   1.00 54.60 ? 52  TYR A O   1 
ATOM   421 C CB  . TYR A 1 52 ? -8.728  -8.905  4.344   1.00 49.71 ? 52  TYR A CB  1 
ATOM   422 C CG  . TYR A 1 52 ? -9.821  -7.900  4.661   1.00 50.32 ? 52  TYR A CG  1 
ATOM   423 C CD1 . TYR A 1 52 ? -10.376 -7.828  5.929   1.00 54.52 ? 52  TYR A CD1 1 
ATOM   424 C CD2 . TYR A 1 52 ? -10.274 -7.008  3.700   1.00 54.29 ? 52  TYR A CD2 1 
ATOM   425 C CE1 . TYR A 1 52 ? -11.361 -6.905  6.229   1.00 54.01 ? 52  TYR A CE1 1 
ATOM   426 C CE2 . TYR A 1 52 ? -11.251 -6.076  3.992   1.00 56.05 ? 52  TYR A CE2 1 
ATOM   427 C CZ  . TYR A 1 52 ? -11.801 -6.029  5.258   1.00 54.71 ? 52  TYR A CZ  1 
ATOM   428 O OH  . TYR A 1 52 ? -12.767 -5.120  5.553   1.00 56.24 ? 52  TYR A OH  1 
ATOM   429 N N   . SER A 1 53 ? -11.343 -10.227 2.842   1.00 60.79 ? 53  SER A N   1 
ATOM   430 C CA  . SER A 1 53 ? -12.271 -10.072 1.692   1.00 66.78 ? 53  SER A CA  1 
ATOM   431 C C   . SER A 1 53 ? -13.462 -9.197  2.102   1.00 68.66 ? 53  SER A C   1 
ATOM   432 O O   . SER A 1 53 ? -14.278 -8.872  1.221   1.00 75.21 ? 53  SER A O   1 
ATOM   433 C CB  . SER A 1 53 ? -12.731 -11.400 1.173   1.00 70.90 ? 53  SER A CB  1 
ATOM   434 O OG  . SER A 1 53 ? -12.672 -11.428 -0.245  1.00 75.03 ? 53  SER A OG  1 
ATOM   435 N N   . GLY A 1 54 ? -13.548 -8.824  3.376   1.00 62.20 ? 54  GLY A N   1 
ATOM   436 C CA  . GLY A 1 54 ? -14.636 -7.948  3.847   1.00 65.15 ? 54  GLY A CA  1 
ATOM   437 C C   . GLY A 1 54 ? -14.804 -6.757  2.937   1.00 68.45 ? 54  GLY A C   1 
ATOM   438 O O   . GLY A 1 54 ? -13.790 -6.284  2.439   1.00 69.78 ? 54  GLY A O   1 
ATOM   439 N N   . SER A 1 55 ? -16.008 -6.202  2.814   1.00 71.62 ? 55  SER A N   1 
ATOM   440 C CA  . SER A 1 55 ? -16.255 -5.107  1.830   1.00 70.65 ? 55  SER A CA  1 
ATOM   441 C C   . SER A 1 55 ? -15.498 -3.807  2.134   1.00 67.26 ? 55  SER A C   1 
ATOM   442 O O   . SER A 1 55 ? -14.933 -3.677  3.226   1.00 65.17 ? 55  SER A O   1 
ATOM   443 C CB  . SER A 1 55 ? -17.728 -4.831  1.682   1.00 69.53 ? 55  SER A CB  1 
ATOM   444 O OG  . SER A 1 55 ? -17.946 -3.796  0.734   1.00 72.77 ? 55  SER A OG  1 
ATOM   445 N N   . ALA A 1 56 ? -15.510 -2.875  1.180   1.00 63.62 ? 56  ALA A N   1 
ATOM   446 C CA  . ALA A 1 56 ? -14.844 -1.567  1.350   1.00 59.10 ? 56  ALA A CA  1 
ATOM   447 C C   . ALA A 1 56 ? -15.585 -0.754  2.397   1.00 60.18 ? 56  ALA A C   1 
ATOM   448 O O   . ALA A 1 56 ? -15.045 0.244   2.881   1.00 57.86 ? 56  ALA A O   1 
ATOM   449 C CB  . ALA A 1 56 ? -14.893 -0.852  0.040   1.00 56.50 ? 56  ALA A CB  1 
ATOM   450 N N   . SER A 1 57 ? -16.815 -1.158  2.682   1.00 63.21 ? 57  SER A N   1 
ATOM   451 C CA  . SER A 1 57 ? -17.629 -0.463  3.699   1.00 65.28 ? 57  SER A CA  1 
ATOM   452 C C   . SER A 1 57 ? -17.123 -0.843  5.094   1.00 66.20 ? 57  SER A C   1 
ATOM   453 O O   . SER A 1 57 ? -17.149 0.026   5.983   1.00 68.81 ? 57  SER A O   1 
ATOM   454 C CB  . SER A 1 57 ? -19.077 -0.811  3.519   1.00 67.03 ? 57  SER A CB  1 
ATOM   455 O OG  . SER A 1 57 ? -19.232 -2.066  2.875   1.00 68.16 ? 57  SER A OG  1 
ATOM   456 N N   . GLU A 1 58 ? -16.674 -2.084  5.268   1.00 66.00 ? 58  GLU A N   1 
ATOM   457 C CA  . GLU A 1 58 ? -16.198 -2.563  6.594   1.00 62.57 ? 58  GLU A CA  1 
ATOM   458 C C   . GLU A 1 58 ? -15.260 -1.536  7.238   1.00 62.14 ? 58  GLU A C   1 
ATOM   459 O O   . GLU A 1 58 ? -14.529 -0.855  6.510   1.00 62.99 ? 58  GLU A O   1 
ATOM   460 C CB  . GLU A 1 58 ? -15.520 -3.920  6.425   1.00 63.80 ? 58  GLU A CB  1 
ATOM   461 C CG  . GLU A 1 58 ? -16.247 -5.050  7.145   1.00 66.46 ? 58  GLU A CG  1 
ATOM   462 C CD  . GLU A 1 58 ? -17.026 -5.949  6.206   1.00 69.56 ? 58  GLU A CD  1 
ATOM   463 O OE1 . GLU A 1 58 ? -17.492 -5.453  5.161   1.00 74.55 ? 58  GLU A OE1 1 
ATOM   464 O OE2 . GLU A 1 58 ? -17.166 -7.145  6.519   1.00 68.19 ? 58  GLU A OE2 1 
ATOM   465 N N   . ALA A 1 59 ? -15.254 -1.470  8.568   1.00 64.50 ? 59  ALA A N   1 
ATOM   466 C CA  . ALA A 1 59 ? -14.408 -0.489  9.285   1.00 60.01 ? 59  ALA A CA  1 
ATOM   467 C C   . ALA A 1 59 ? -12.940 -0.910  9.287   1.00 56.52 ? 59  ALA A C   1 
ATOM   468 O O   . ALA A 1 59 ? -12.071 -0.032  9.376   1.00 60.97 ? 59  ALA A O   1 
ATOM   469 C CB  . ALA A 1 59 ? -14.912 -0.353  10.693  1.00 64.82 ? 59  ALA A CB  1 
ATOM   470 N N   . ASP A 1 60 ? -12.680 -2.211  9.202   1.00 53.89 ? 60  ASP A N   1 
ATOM   471 C CA  . ASP A 1 60 ? -11.275 -2.690  9.159   1.00 51.82 ? 60  ASP A CA  1 
ATOM   472 C C   . ASP A 1 60 ? -10.748 -2.605  7.730   1.00 47.07 ? 60  ASP A C   1 
ATOM   473 O O   . ASP A 1 60 ? -9.691  -3.180  7.465   1.00 44.21 ? 60  ASP A O   1 
ATOM   474 C CB  . ASP A 1 60 ? -11.132 -4.094  9.723   1.00 49.79 ? 60  ASP A CB  1 
ATOM   475 C CG  . ASP A 1 60 ? -12.013 -5.163  9.099   1.00 58.31 ? 60  ASP A CG  1 
ATOM   476 O OD1 . ASP A 1 60 ? -12.913 -4.804  8.318   1.00 61.89 ? 60  ASP A OD1 1 
ATOM   477 O OD2 . ASP A 1 60 ? -11.785 -6.347  9.406   1.00 55.24 ? 60  ASP A OD2 1 
ATOM   478 N N   . TYR A 1 61 ? -11.428 -1.854  6.866   1.00 50.70 ? 61  TYR A N   1 
ATOM   479 C CA  . TYR A 1 61 ? -10.943 -1.930  5.500   1.00 47.08 ? 61  TYR A CA  1 
ATOM   480 C C   . TYR A 1 61 ? -9.649  -1.137  5.310   1.00 42.33 ? 61  TYR A C   1 
ATOM   481 O O   . TYR A 1 61 ? -8.742  -1.652  4.650   1.00 42.56 ? 61  TYR A O   1 
ATOM   482 C CB  . TYR A 1 61 ? -12.029 -1.493  4.520   1.00 50.94 ? 61  TYR A CB  1 
ATOM   483 C CG  . TYR A 1 61 ? -11.610 -1.651  3.078   1.00 51.24 ? 61  TYR A CG  1 
ATOM   484 C CD1 . TYR A 1 61 ? -11.489 -2.910  2.505   1.00 54.91 ? 61  TYR A CD1 1 
ATOM   485 C CD2 . TYR A 1 61 ? -11.336 -0.551  2.290   1.00 51.47 ? 61  TYR A CD2 1 
ATOM   486 C CE1 . TYR A 1 61 ? -11.094 -3.055  1.181   1.00 55.32 ? 61  TYR A CE1 1 
ATOM   487 C CE2 . TYR A 1 61 ? -10.951 -0.678  0.972   1.00 50.67 ? 61  TYR A CE2 1 
ATOM   488 C CZ  . TYR A 1 61 ? -10.829 -1.931  0.422   1.00 51.07 ? 61  TYR A CZ  1 
ATOM   489 O OH  . TYR A 1 61 ? -10.444 -2.066  -0.887  1.00 53.25 ? 61  TYR A OH  1 
ATOM   490 N N   . ARG A 1 62 ? -9.512  0.085   5.881   1.00 44.67 ? 62  ARG A N   1 
ATOM   491 C CA  . ARG A 1 62 ? -8.200  0.765   5.851   1.00 43.52 ? 62  ARG A CA  1 
ATOM   492 C C   . ARG A 1 62 ? -7.120  -0.131  6.400   1.00 42.80 ? 62  ARG A C   1 
ATOM   493 O O   . ARG A 1 62 ? -6.006  -0.158  5.876   1.00 39.98 ? 62  ARG A O   1 
ATOM   494 C CB  . ARG A 1 62 ? -8.059  2.062   6.689   1.00 49.08 ? 62  ARG A CB  1 
ATOM   495 C CG  . ARG A 1 62 ? -9.160  3.013   6.905   1.00 57.61 ? 62  ARG A CG  1 
ATOM   496 C CD  . ARG A 1 62 ? -9.011  4.175   7.949   1.00 57.18 ? 62  ARG A CD  1 
ATOM   497 N NE  . ARG A 1 62 ? -7.789  4.972   7.991   1.00 59.68 ? 62  ARG A NE  1 
ATOM   498 C CZ  . ARG A 1 62 ? -6.982  5.025   9.047   1.00 59.76 ? 62  ARG A CZ  1 
ATOM   499 N NH1 . ARG A 1 62 ? -7.209  4.293   10.129  1.00 57.99 ? 62  ARG A NH1 1 
ATOM   500 N NH2 . ARG A 1 62 ? -5.939  5.855   9.029   1.00 58.17 ? 62  ARG A NH2 1 
ATOM   501 N N   . LEU A 1 63 ? -7.396  -0.764  7.545   1.00 44.31 ? 63  LEU A N   1 
ATOM   502 C CA  . LEU A 1 63 ? -6.371  -1.552  8.208   1.00 38.83 ? 63  LEU A CA  1 
ATOM   503 C C   . LEU A 1 63 ? -5.889  -2.661  7.302   1.00 37.17 ? 63  LEU A C   1 
ATOM   504 O O   . LEU A 1 63 ? -4.684  -2.919  7.228   1.00 38.05 ? 63  LEU A O   1 
ATOM   505 C CB  . LEU A 1 63 ? -6.894  -2.138  9.523   1.00 40.83 ? 63  LEU A CB  1 
ATOM   506 C CG  . LEU A 1 63 ? -7.284  -1.250  10.712  1.00 41.90 ? 63  LEU A CG  1 
ATOM   507 C CD1 . LEU A 1 63 ? -8.217  -0.115  10.343  1.00 47.80 ? 63  LEU A CD1 1 
ATOM   508 C CD2 . LEU A 1 63 ? -7.933  -2.122  11.759  1.00 44.54 ? 63  LEU A CD2 1 
ATOM   509 N N   . ALA A 1 64 ? -6.814  -3.325  6.611   1.00 37.20 ? 64  ALA A N   1 
ATOM   510 C CA  . ALA A 1 64 ? -6.428  -4.342  5.639   1.00 36.90 ? 64  ALA A CA  1 
ATOM   511 C C   . ALA A 1 64 ? -5.632  -3.727  4.496   1.00 33.17 ? 64  ALA A C   1 
ATOM   512 O O   . ALA A 1 64 ? -4.577  -4.241  4.114   1.00 33.09 ? 64  ALA A O   1 
ATOM   513 C CB  . ALA A 1 64 ? -7.667  -5.052  5.104   1.00 40.55 ? 64  ALA A CB  1 
ATOM   514 N N   . CYS A 1 65 ? -6.122  -2.621  3.942   1.00 33.20 ? 65  CYS A N   1 
ATOM   515 C CA  . CYS A 1 65 ? -5.407  -1.945  2.860   1.00 32.03 ? 65  CYS A CA  1 
ATOM   516 C C   . CYS A 1 65 ? -4.009  -1.519  3.289   1.00 31.57 ? 65  CYS A C   1 
ATOM   517 O O   . CYS A 1 65 ? -3.044  -1.674  2.526   1.00 30.48 ? 65  CYS A O   1 
ATOM   518 C CB  . CYS A 1 65 ? -6.199  -0.728  2.399   1.00 35.32 ? 65  CYS A CB  1 
ATOM   519 S SG  . CYS A 1 65 ? -7.693  -1.071  1.480   1.00 35.49 ? 65  CYS A SG  1 
ATOM   520 N N   . PHE A 1 66 ? -3.886  -0.954  4.496   1.00 29.05 ? 66  PHE A N   1 
ATOM   521 C CA  . PHE A 1 66 ? -2.584  -0.513  5.001   1.00 30.24 ? 66  PHE A CA  1 
ATOM   522 C C   . PHE A 1 66 ? -1.625  -1.678  5.164   1.00 29.32 ? 66  PHE A C   1 
ATOM   523 O O   . PHE A 1 66 ? -0.434  -1.560  4.871   1.00 30.98 ? 66  PHE A O   1 
ATOM   524 C CB  . PHE A 1 66 ? -2.745  0.192   6.348   1.00 33.29 ? 66  PHE A CB  1 
ATOM   525 C CG  . PHE A 1 66 ? -3.523  1.446   6.290   1.00 33.23 ? 66  PHE A CG  1 
ATOM   526 C CD1 . PHE A 1 66 ? -3.776  2.075   5.090   1.00 33.31 ? 66  PHE A CD1 1 
ATOM   527 C CD2 . PHE A 1 66 ? -3.990  2.022   7.453   1.00 40.77 ? 66  PHE A CD2 1 
ATOM   528 C CE1 . PHE A 1 66 ? -4.495  3.259   5.048   1.00 35.64 ? 66  PHE A CE1 1 
ATOM   529 C CE2 . PHE A 1 66 ? -4.707  3.200   7.412   1.00 42.93 ? 66  PHE A CE2 1 
ATOM   530 C CZ  . PHE A 1 66 ? -4.963  3.814   6.205   1.00 41.49 ? 66  PHE A CZ  1 
ATOM   531 N N   . ALA A 1 67 ? -2.122  -2.810  5.653   1.00 31.46 ? 67  ALA A N   1 
ATOM   532 C CA  . ALA A 1 67 ? -1.272  -3.988  5.761   1.00 33.06 ? 67  ALA A CA  1 
ATOM   533 C C   . ALA A 1 67 ? -0.760  -4.420  4.400   1.00 30.26 ? 67  ALA A C   1 
ATOM   534 O O   . ALA A 1 67 ? 0.429   -4.741  4.237   1.00 30.80 ? 67  ALA A O   1 
ATOM   535 C CB  . ALA A 1 67 ? -2.049  -5.132  6.404   1.00 33.65 ? 67  ALA A CB  1 
ATOM   536 N N   . HIS A 1 68 ? -1.649  -4.452  3.414   1.00 28.57 ? 68  HIS A N   1 
ATOM   537 C CA  . HIS A 1 68 ? -1.281  -4.980  2.110   1.00 30.36 ? 68  HIS A CA  1 
ATOM   538 C C   . HIS A 1 68 ? -0.260  -4.086  1.435   1.00 27.65 ? 68  HIS A C   1 
ATOM   539 O O   . HIS A 1 68 ? 0.751   -4.565  0.915   1.00 28.96 ? 68  HIS A O   1 
ATOM   540 C CB  . HIS A 1 68 ? -2.539  -5.143  1.267   1.00 32.85 ? 68  HIS A CB  1 
ATOM   541 C CG  . HIS A 1 68 ? -3.249  -6.450  1.501   1.00 36.76 ? 68  HIS A CG  1 
ATOM   542 N ND1 . HIS A 1 68 ? -3.290  -7.459  0.564   1.00 35.94 ? 68  HIS A ND1 1 
ATOM   543 C CD2 . HIS A 1 68 ? -3.917  -6.918  2.584   1.00 35.60 ? 68  HIS A CD2 1 
ATOM   544 C CE1 . HIS A 1 68 ? -3.965  -8.486  1.053   1.00 43.52 ? 68  HIS A CE1 1 
ATOM   545 N NE2 . HIS A 1 68 ? -4.349  -8.185  2.281   1.00 36.84 ? 68  HIS A NE2 1 
ATOM   546 N N   . LEU A 1 69 ? -0.491  -2.773  1.463   1.00 27.46 ? 69  LEU A N   1 
ATOM   547 C CA  . LEU A 1 69 ? 0.461   -1.851  0.846   1.00 25.49 ? 69  LEU A CA  1 
ATOM   548 C C   . LEU A 1 69 ? 1.803   -1.895  1.558   1.00 25.88 ? 69  LEU A C   1 
ATOM   549 O O   . LEU A 1 69 ? 2.855   -1.864  0.919   1.00 26.72 ? 69  LEU A O   1 
ATOM   550 C CB  . LEU A 1 69 ? -0.093  -0.422  0.859   1.00 25.33 ? 69  LEU A CB  1 
ATOM   551 C CG  . LEU A 1 69 ? 0.816   0.589   0.125   1.00 25.04 ? 69  LEU A CG  1 
ATOM   552 C CD1 . LEU A 1 69 ? 1.202   0.078   -1.251  1.00 25.22 ? 69  LEU A CD1 1 
ATOM   553 C CD2 . LEU A 1 69 ? 0.207   1.982   0.018   1.00 24.62 ? 69  LEU A CD2 1 
ATOM   554 N N   . ALA A 1 70 ? 1.788   -1.934  2.887   1.00 27.12 ? 70  ALA A N   1 
ATOM   555 C CA  . ALA A 1 70 ? 3.037   -1.974  3.636   1.00 28.12 ? 70  ALA A CA  1 
ATOM   556 C C   . ALA A 1 70 ? 3.841   -3.220  3.305   1.00 29.67 ? 70  ALA A C   1 
ATOM   557 O O   . ALA A 1 70 ? 5.065   -3.151  3.142   1.00 30.35 ? 70  ALA A O   1 
ATOM   558 C CB  . ALA A 1 70 ? 2.744   -1.905  5.126   1.00 32.11 ? 70  ALA A CB  1 
ATOM   559 N N   . LYS A 1 71 ? 3.171   -4.364  3.178   1.00 31.90 ? 71  LYS A N   1 
ATOM   560 C CA  . LYS A 1 71 ? 3.850   -5.583  2.751   1.00 31.62 ? 71  LYS A CA  1 
ATOM   561 C C   . LYS A 1 71 ? 4.412   -5.447  1.345   1.00 35.05 ? 71  LYS A C   1 
ATOM   562 O O   . LYS A 1 71 ? 5.553   -5.848  1.084   1.00 34.34 ? 71  LYS A O   1 
ATOM   563 C CB  . LYS A 1 71 ? 2.880   -6.761  2.824   1.00 34.73 ? 71  LYS A CB  1 
ATOM   564 C CG  . LYS A 1 71 ? 3.431   -8.093  2.273   1.00 42.83 ? 71  LYS A CG  1 
ATOM   565 C CD  . LYS A 1 71 ? 4.501   -8.692  3.156   1.00 44.60 ? 71  LYS A CD  1 
ATOM   566 C CE  . LYS A 1 71 ? 5.174   -9.909  2.498   1.00 46.17 ? 71  LYS A CE  1 
ATOM   567 N NZ  . LYS A 1 71 ? 4.373   -10.460 1.370   1.00 46.34 ? 71  LYS A NZ  1 
ATOM   568 N N   . ALA A 1 72 ? 3.624   -4.884  0.422   1.00 29.43 ? 72  ALA A N   1 
ATOM   569 C CA  . ALA A 1 72 ? 4.114   -4.628  -0.926  1.00 30.42 ? 72  ALA A CA  1 
ATOM   570 C C   . ALA A 1 72 ? 5.373   -3.780  -0.908  1.00 30.45 ? 72  ALA A C   1 
ATOM   571 O O   . ALA A 1 72 ? 6.285   -3.972  -1.720  1.00 31.09 ? 72  ALA A O   1 
ATOM   572 C CB  . ALA A 1 72 ? 3.034   -3.927  -1.734  1.00 29.36 ? 72  ALA A CB  1 
ATOM   573 N N   . MET A 1 73 ? 5.418   -2.810  -0.013  1.00 28.79 ? 73  MET A N   1 
ATOM   574 C CA  . MET A 1 73 ? 6.551   -1.910  0.061   1.00 29.19 ? 73  MET A CA  1 
ATOM   575 C C   . MET A 1 73 ? 7.769   -2.611  0.651   1.00 32.74 ? 73  MET A C   1 
ATOM   576 O O   . MET A 1 73 ? 8.889   -2.470  0.145   1.00 32.07 ? 73  MET A O   1 
ATOM   577 C CB  . MET A 1 73 ? 6.133   -0.697  0.887   1.00 28.16 ? 73  MET A CB  1 
ATOM   578 C CG  . MET A 1 73 ? 5.418   0.357   0.031   1.00 27.17 ? 73  MET A CG  1 
ATOM   579 S SD  . MET A 1 73 ? 5.000   1.785   1.022   1.00 32.44 ? 73  MET A SD  1 
ATOM   580 C CE  . MET A 1 73 ? 6.557   2.644   1.011   1.00 29.09 ? 73  MET A CE  1 
ATOM   581 N N   . MET A 1 74 ? 7.560   -3.385  1.710   1.00 35.11 ? 74  MET A N   1 
ATOM   582 C CA  . MET A 1 74 ? 8.644   -4.186  2.256   1.00 35.44 ? 74  MET A CA  1 
ATOM   583 C C   . MET A 1 74 ? 9.218   -5.092  1.178   1.00 36.02 ? 74  MET A C   1 
ATOM   584 O O   . MET A 1 74 ? 10.435  -5.162  0.995   1.00 40.28 ? 74  MET A O   1 
ATOM   585 C CB  . MET A 1 74 ? 8.121   -5.012  3.425   1.00 33.37 ? 74  MET A CB  1 
ATOM   586 C CG  . MET A 1 74 ? 8.046   -4.239  4.719   1.00 44.89 ? 74  MET A CG  1 
ATOM   587 S SD  . MET A 1 74 ? 9.304   -2.964  4.935   1.00 65.17 ? 74  MET A SD  1 
ATOM   588 C CE  . MET A 1 74 ? 8.648   -2.187  6.422   1.00 54.00 ? 74  MET A CE  1 
ATOM   589 N N   . ASP A 1 75 ? 8.354   -5.701  0.388   1.00 35.64 ? 75  ASP A N   1 
ATOM   590 C CA  . ASP A 1 75 ? 8.828   -6.579  -0.704  1.00 35.96 ? 75  ASP A CA  1 
ATOM   591 C C   . ASP A 1 75 ? 9.674   -5.777  -1.689  1.00 39.84 ? 75  ASP A C   1 
ATOM   592 O O   . ASP A 1 75 ? 10.787  -6.219  -1.996  1.00 40.15 ? 75  ASP A O   1 
ATOM   593 C CB  . ASP A 1 75 ? 7.669   -7.258  -1.403  1.00 38.49 ? 75  ASP A CB  1 
ATOM   594 C CG  . ASP A 1 75 ? 6.975   -8.356  -0.612  1.00 43.46 ? 75  ASP A CG  1 
ATOM   595 O OD1 . ASP A 1 75 ? 7.562   -8.824  0.378   1.00 44.89 ? 75  ASP A OD1 1 
ATOM   596 O OD2 . ASP A 1 75 ? 5.853   -8.730  -0.996  1.00 47.56 ? 75  ASP A OD2 1 
ATOM   597 N N   . TYR A 1 76 ? 9.154   -4.659  -2.188  1.00 35.12 ? 76  TYR A N   1 
ATOM   598 C CA  . TYR A 1 76 ? 9.899   -3.907  -3.225  1.00 34.34 ? 76  TYR A CA  1 
ATOM   599 C C   . TYR A 1 76 ? 11.273  -3.554  -2.685  1.00 36.18 ? 76  TYR A C   1 
ATOM   600 O O   . TYR A 1 76 ? 12.266  -3.665  -3.402  1.00 38.27 ? 76  TYR A O   1 
ATOM   601 C CB  . TYR A 1 76 ? 9.152   -2.649  -3.677  1.00 34.02 ? 76  TYR A CB  1 
ATOM   602 C CG  . TYR A 1 76 ? 9.797   -1.966  -4.869  1.00 31.31 ? 76  TYR A CG  1 
ATOM   603 C CD1 . TYR A 1 76 ? 10.772  -0.994  -4.700  1.00 35.81 ? 76  TYR A CD1 1 
ATOM   604 C CD2 . TYR A 1 76 ? 9.447   -2.321  -6.162  1.00 33.45 ? 76  TYR A CD2 1 
ATOM   605 C CE1 . TYR A 1 76 ? 11.379  -0.390  -5.785  1.00 35.69 ? 76  TYR A CE1 1 
ATOM   606 C CE2 . TYR A 1 76 ? 10.042  -1.721  -7.253  1.00 35.85 ? 76  TYR A CE2 1 
ATOM   607 C CZ  . TYR A 1 76 ? 11.007  -0.754  -7.064  1.00 34.43 ? 76  TYR A CZ  1 
ATOM   608 O OH  . TYR A 1 76 ? 11.590  -0.168  -8.141  1.00 41.31 ? 76  TYR A OH  1 
ATOM   609 N N   . ALA A 1 77 ? 11.330  -3.129  -1.434  1.00 34.15 ? 77  ALA A N   1 
ATOM   610 C CA  . ALA A 1 77 ? 12.614  -2.658  -0.872  1.00 37.16 ? 77  ALA A CA  1 
ATOM   611 C C   . ALA A 1 77 ? 13.650  -3.778  -0.902  1.00 39.88 ? 77  ALA A C   1 
ATOM   612 O O   . ALA A 1 77 ? 14.849  -3.472  -0.911  1.00 40.70 ? 77  ALA A O   1 
ATOM   613 C CB  . ALA A 1 77 ? 12.390  -2.149  0.521   1.00 34.21 ? 77  ALA A CB  1 
ATOM   614 N N   . SER A 1 78 ? 13.194  -5.025  -0.939  1.00 38.37 ? 78  SER A N   1 
ATOM   615 C CA  . SER A 1 78 ? 14.114  -6.185  -0.944  1.00 41.02 ? 78  SER A CA  1 
ATOM   616 C C   . SER A 1 78 ? 14.423  -6.640  -2.370  1.00 44.77 ? 78  SER A C   1 
ATOM   617 O O   . SER A 1 78 ? 15.582  -6.999  -2.623  1.00 45.53 ? 78  SER A O   1 
ATOM   618 C CB  . SER A 1 78 ? 13.526  -7.312  -0.158  1.00 42.43 ? 78  SER A CB  1 
ATOM   619 O OG  . SER A 1 78 ? 12.433  -7.898  -0.846  1.00 47.54 ? 78  SER A OG  1 
ATOM   620 N N   . ASN A 1 79 ? 13.447  -6.588  -3.269  1.00 39.16 ? 79  ASN A N   1 
ATOM   621 C CA  . ASN A 1 79 ? 13.658  -7.182  -4.616  1.00 38.63 ? 79  ASN A CA  1 
ATOM   622 C C   . ASN A 1 79 ? 13.681  -6.139  -5.735  1.00 38.74 ? 79  ASN A C   1 
ATOM   623 O O   . ASN A 1 79 ? 14.141  -6.489  -6.829  1.00 39.93 ? 79  ASN A O   1 
ATOM   624 C CB  . ASN A 1 79 ? 12.607  -8.246  -4.905  1.00 43.53 ? 79  ASN A CB  1 
ATOM   625 C CG  . ASN A 1 79 ? 11.182  -7.752  -4.850  1.00 42.06 ? 79  ASN A CG  1 
ATOM   626 O OD1 . ASN A 1 79 ? 10.839  -6.738  -5.463  1.00 40.74 ? 79  ASN A OD1 1 
ATOM   627 N ND2 . ASN A 1 79 ? 10.330  -8.482  -4.151  1.00 44.81 ? 79  ASN A ND2 1 
ATOM   628 N N   . HIS A 1 80 ? 13.148  -4.948  -5.484  1.00 36.58 ? 80  HIS A N   1 
ATOM   629 C CA  . HIS A 1 80 ? 13.201  -3.901  -6.503  1.00 33.47 ? 80  HIS A CA  1 
ATOM   630 C C   . HIS A 1 80 ? 12.452  -4.303  -7.778  1.00 36.50 ? 80  HIS A C   1 
ATOM   631 O O   . HIS A 1 80 ? 12.713  -3.763  -8.859  1.00 39.53 ? 80  HIS A O   1 
ATOM   632 C CB  . HIS A 1 80 ? 14.658  -3.544  -6.819  1.00 40.35 ? 80  HIS A CB  1 
ATOM   633 C CG  . HIS A 1 80 ? 15.275  -2.554  -5.870  1.00 41.02 ? 80  HIS A CG  1 
ATOM   634 N ND1 . HIS A 1 80 ? 15.014  -2.551  -4.514  1.00 43.34 ? 80  HIS A ND1 1 
ATOM   635 C CD2 . HIS A 1 80 ? 16.242  -1.626  -6.063  1.00 41.13 ? 80  HIS A CD2 1 
ATOM   636 C CE1 . HIS A 1 80 ? 15.741  -1.616  -3.926  1.00 36.88 ? 80  HIS A CE1 1 
ATOM   637 N NE2 . HIS A 1 80 ? 16.492  -1.037  -4.844  1.00 42.94 ? 80  HIS A NE2 1 
ATOM   638 N N   . ASN A 1 81 ? 11.526  -5.255  -7.686  1.00 35.03 ? 81  ASN A N   1 
ATOM   639 C CA  . ASN A 1 81 ? 10.754  -5.694  -8.848  1.00 38.53 ? 81  ASN A CA  1 
ATOM   640 C C   . ASN A 1 81 ? 9.460   -4.899  -8.942  1.00 32.88 ? 81  ASN A C   1 
ATOM   641 O O   . ASN A 1 81 ? 8.576   -5.040  -8.089  1.00 33.18 ? 81  ASN A O   1 
ATOM   642 C CB  . ASN A 1 81 ? 10.453  -7.191  -8.794  1.00 40.86 ? 81  ASN A CB  1 
ATOM   643 C CG  . ASN A 1 81 ? 11.714  -8.042  -8.770  1.00 42.17 ? 81  ASN A CG  1 
ATOM   644 O OD1 . ASN A 1 81 ? 11.854  -8.944  -7.945  1.00 46.34 ? 81  ASN A OD1 1 
ATOM   645 N ND2 . ASN A 1 81 ? 12.643  -7.747  -9.677  1.00 42.51 ? 81  ASN A ND2 1 
ATOM   646 N N   . ASP A 1 82 ? 9.346   -4.088  -9.995  1.00 31.86 ? 82  ASP A N   1 
ATOM   647 C CA  . ASP A 1 82 ? 8.111   -3.348  -10.237 1.00 33.76 ? 82  ASP A CA  1 
ATOM   648 C C   . ASP A 1 82 ? 6.927   -4.293  -10.347 1.00 35.55 ? 82  ASP A C   1 
ATOM   649 O O   . ASP A 1 82 ? 6.963   -5.282  -11.088 1.00 32.45 ? 82  ASP A O   1 
ATOM   650 C CB  . ASP A 1 82 ? 8.235   -2.533  -11.513 1.00 32.47 ? 82  ASP A CB  1 
ATOM   651 C CG  . ASP A 1 82 ? 9.391   -1.567  -11.470 1.00 36.45 ? 82  ASP A CG  1 
ATOM   652 O OD1 . ASP A 1 82 ? 10.019  -1.457  -10.399 1.00 38.44 ? 82  ASP A OD1 1 
ATOM   653 O OD2 . ASP A 1 82 ? 9.654   -0.926  -12.506 1.00 36.78 ? 82  ASP A OD2 1 
ATOM   654 N N   . THR A 1 83 ? 5.855   -3.972  -9.636  1.00 32.80 ? 83  THR A N   1 
ATOM   655 C CA  . THR A 1 83 ? 4.720   -4.870  -9.581  1.00 32.72 ? 83  THR A CA  1 
ATOM   656 C C   . THR A 1 83 ? 3.441   -4.066  -9.414  1.00 33.60 ? 83  THR A C   1 
ATOM   657 O O   . THR A 1 83 ? 3.448   -2.978  -8.827  1.00 31.03 ? 83  THR A O   1 
ATOM   658 C CB  . THR A 1 83 ? 4.899   -5.874  -8.437  1.00 35.62 ? 83  THR A CB  1 
ATOM   659 O OG1 . THR A 1 83 ? 3.891   -6.888  -8.538  1.00 43.97 ? 83  THR A OG1 1 
ATOM   660 C CG2 . THR A 1 83 ? 4.773   -5.194  -7.111  1.00 36.29 ? 83  THR A CG2 1 
ATOM   661 N N   . LEU A 1 84 ? 2.339   -4.609  -9.926  1.00 30.65 ? 84  LEU A N   1 
ATOM   662 C CA  . LEU A 1 84 ? 1.051   -3.962  -9.730  1.00 30.04 ? 84  LEU A CA  1 
ATOM   663 C C   . LEU A 1 84 ? 0.578   -4.144  -8.298  1.00 31.93 ? 84  LEU A C   1 
ATOM   664 O O   . LEU A 1 84 ? 0.569   -5.259  -7.767  1.00 31.01 ? 84  LEU A O   1 
ATOM   665 C CB  . LEU A 1 84 ? 0.013   -4.539  -10.673 1.00 29.27 ? 84  LEU A CB  1 
ATOM   666 C CG  . LEU A 1 84 ? -1.389  -3.947  -10.499 1.00 31.92 ? 84  LEU A CG  1 
ATOM   667 C CD1 . LEU A 1 84 ? -1.438  -2.549  -10.984 1.00 31.07 ? 84  LEU A CD1 1 
ATOM   668 C CD2 . LEU A 1 84 ? -2.416  -4.804  -11.231 1.00 33.83 ? 84  LEU A CD2 1 
ATOM   669 N N   . TYR A 1 85 ? 0.165   -3.046  -7.678  1.00 28.92 ? 85  TYR A N   1 
ATOM   670 C CA  . TYR A 1 85 ? -0.485  -3.098  -6.380  1.00 27.19 ? 85  TYR A CA  1 
ATOM   671 C C   . TYR A 1 85 ? -1.980  -2.910  -6.591  1.00 27.26 ? 85  TYR A C   1 
ATOM   672 O O   . TYR A 1 85 ? -2.404  -1.936  -7.218  1.00 28.91 ? 85  TYR A O   1 
ATOM   673 C CB  . TYR A 1 85 ? 0.054   -2.029  -5.413  1.00 27.27 ? 85  TYR A CB  1 
ATOM   674 C CG  . TYR A 1 85 ? -0.786  -1.985  -4.152  1.00 25.31 ? 85  TYR A CG  1 
ATOM   675 C CD1 . TYR A 1 85 ? -0.565  -2.891  -3.117  1.00 27.26 ? 85  TYR A CD1 1 
ATOM   676 C CD2 . TYR A 1 85 ? -1.828  -1.066  -4.022  1.00 26.98 ? 85  TYR A CD2 1 
ATOM   677 C CE1 . TYR A 1 85 ? -1.363  -2.892  -1.983  1.00 27.11 ? 85  TYR A CE1 1 
ATOM   678 C CE2 . TYR A 1 85 ? -2.627  -1.053  -2.895  1.00 28.68 ? 85  TYR A CE2 1 
ATOM   679 C CZ  . TYR A 1 85 ? -2.396  -1.990  -1.879  1.00 27.81 ? 85  TYR A CZ  1 
ATOM   680 O OH  . TYR A 1 85 ? -3.197  -1.980  -0.756  1.00 30.98 ? 85  TYR A OH  1 
ATOM   681 N N   . THR A 1 86 ? -2.746  -3.849  -6.038  1.00 28.45 ? 86  THR A N   1 
ATOM   682 C CA  . THR A 1 86 ? -4.216  -3.769  -6.021  1.00 33.29 ? 86  THR A CA  1 
ATOM   683 C C   . THR A 1 86 ? -4.642  -3.939  -4.575  1.00 30.62 ? 86  THR A C   1 
ATOM   684 O O   . THR A 1 86 ? -4.004  -4.709  -3.854  1.00 29.47 ? 86  THR A O   1 
ATOM   685 C CB  . THR A 1 86 ? -4.870  -4.842  -6.896  1.00 33.65 ? 86  THR A CB  1 
ATOM   686 O OG1 . THR A 1 86 ? -4.376  -6.089  -6.422  1.00 34.80 ? 86  THR A OG1 1 
ATOM   687 C CG2 . THR A 1 86 ? -4.594  -4.631  -8.373  1.00 35.40 ? 86  THR A CG2 1 
ATOM   688 N N   . PRO A 1 87 ? -5.733  -3.279  -4.116  1.00 29.59 ? 87  PRO A N   1 
ATOM   689 C CA  . PRO A 1 87 ? -6.129  -3.366  -2.725  1.00 35.31 ? 87  PRO A CA  1 
ATOM   690 C C   . PRO A 1 87 ? -6.765  -4.708  -2.364  1.00 39.77 ? 87  PRO A C   1 
ATOM   691 O O   . PRO A 1 87 ? -7.197  -5.450  -3.251  1.00 41.45 ? 87  PRO A O   1 
ATOM   692 C CB  . PRO A 1 87 ? -7.126  -2.209  -2.540  1.00 34.83 ? 87  PRO A CB  1 
ATOM   693 C CG  . PRO A 1 87 ? -7.137  -1.468  -3.843  1.00 34.56 ? 87  PRO A CG  1 
ATOM   694 C CD  . PRO A 1 87 ? -6.695  -2.465  -4.872  1.00 35.02 ? 87  PRO A CD  1 
ATOM   695 N N   . PRO A 1 88 ? -6.803  -5.071  -1.068  1.00 41.19 ? 88  PRO A N   1 
ATOM   696 C CA  . PRO A 1 88 ? -7.474  -6.283  -0.647  1.00 44.47 ? 88  PRO A CA  1 
ATOM   697 C C   . PRO A 1 88 ? -8.756  -6.498  -1.436  1.00 49.37 ? 88  PRO A C   1 
ATOM   698 O O   . PRO A 1 88 ? -9.649  -5.641  -1.397  1.00 52.58 ? 88  PRO A O   1 
ATOM   699 C CB  . PRO A 1 88 ? -7.706  -6.018  0.842   1.00 45.11 ? 88  PRO A CB  1 
ATOM   700 C CG  . PRO A 1 88 ? -7.147  -4.648  1.110   1.00 41.32 ? 88  PRO A CG  1 
ATOM   701 C CD  . PRO A 1 88 ? -6.154  -4.378  0.012   1.00 38.93 ? 88  PRO A CD  1 
ATOM   702 N N   . THR A 1 89 ? -8.842  -7.627  -2.131  1.00 57.01 ? 89  THR A N   1 
ATOM   703 C CA  . THR A 1 89 ? -9.990  -7.915  -3.011  1.00 62.76 ? 89  THR A CA  1 
ATOM   704 C C   . THR A 1 89 ? -11.231 -8.143  -2.196  1.00 66.58 ? 89  THR A C   1 
ATOM   705 O O   . THR A 1 89 ? -11.223 -9.029  -1.328  1.00 69.58 ? 89  THR A O   1 
ATOM   706 C CB  . THR A 1 89 ? -9.676  -9.142  -3.863  1.00 62.13 ? 89  THR A CB  1 
ATOM   707 O OG1 . THR A 1 89 ? -9.756  -10.259 -2.985  1.00 69.17 ? 89  THR A OG1 1 
ATOM   708 C CG2 . THR A 1 89 ? -8.295  -9.070  -4.487  1.00 64.85 ? 89  THR A CG2 1 
ATOM   709 N N   . VAL A 1 90 ? -12.283 -7.400  -2.507  1.00 69.08 ? 90  VAL A N   1 
ATOM   710 C CA  . VAL A 1 90 ? -13.539 -7.517  -1.723  1.00 71.66 ? 90  VAL A CA  1 
ATOM   711 C C   . VAL A 1 90 ? -14.422 -8.608  -2.353  1.00 78.41 ? 90  VAL A C   1 
ATOM   712 O O   . VAL A 1 90 ? -14.351 -8.748  -3.589  1.00 79.94 ? 90  VAL A O   1 
ATOM   713 C CB  . VAL A 1 90 ? -14.237 -6.151  -1.703  1.00 72.71 ? 90  VAL A CB  1 
ATOM   714 C CG1 . VAL A 1 90 ? -15.725 -6.285  -1.410  1.00 72.82 ? 90  VAL A CG1 1 
ATOM   715 C CG2 . VAL A 1 90 ? -13.564 -5.193  -0.731  1.00 69.06 ? 90  VAL A CG2 1 
HETATM 716 O O   . HOH B 2 .  ? -2.526  -7.018  -7.426  1.00 47.77 ? 201 HOH A O   1 
HETATM 717 O O   . HOH B 2 .  ? 11.738  12.447  -7.400  1.00 47.61 ? 202 HOH A O   1 
HETATM 718 O O   . HOH B 2 .  ? 5.046   7.517   13.116  1.00 47.01 ? 203 HOH A O   1 
HETATM 719 O O   . HOH B 2 .  ? 13.658  -6.710  -11.778 1.00 47.65 ? 204 HOH A O   1 
HETATM 720 O O   . HOH B 2 .  ? 8.377   -5.945  -5.607  1.00 37.35 ? 205 HOH A O   1 
HETATM 721 O O   . HOH B 2 .  ? -3.251  -2.768  9.414   1.00 40.20 ? 206 HOH A O   1 
HETATM 722 O O   . HOH B 2 .  ? 10.632  13.317  3.223   1.00 45.64 ? 207 HOH A O   1 
HETATM 723 O O   . HOH B 2 .  ? 10.501  7.335   9.383   1.00 46.01 ? 208 HOH A O   1 
HETATM 724 O O   . HOH B 2 .  ? 12.695  9.497   3.369   1.00 32.87 ? 209 HOH A O   1 
HETATM 725 O O   . HOH B 2 .  ? -16.153 2.395   6.938   1.00 60.49 ? 210 HOH A O   1 
HETATM 726 O O   . HOH B 2 .  ? 2.648   4.134   -10.597 1.00 34.92 ? 211 HOH A O   1 
HETATM 727 O O   . HOH B 2 .  ? 8.459   10.015  -6.909  1.00 38.65 ? 212 HOH A O   1 
HETATM 728 O O   . HOH B 2 .  ? -8.123  -2.754  -9.213  1.00 35.57 ? 213 HOH A O   1 
HETATM 729 O O   . HOH B 2 .  ? 11.294  1.060   -10.837 1.00 36.25 ? 214 HOH A O   1 
HETATM 730 O O   . HOH B 2 .  ? 5.883   9.270   -9.004  1.00 43.36 ? 215 HOH A O   1 
HETATM 731 O O   . HOH B 2 .  ? -7.619  5.940   -3.222  1.00 45.09 ? 216 HOH A O   1 
HETATM 732 O O   . HOH B 2 .  ? 2.253   -6.923  -11.676 1.00 35.66 ? 217 HOH A O   1 
HETATM 733 O O   . HOH B 2 .  ? -0.360  -10.316 11.298  1.00 45.11 ? 218 HOH A O   1 
HETATM 734 O O   . HOH B 2 .  ? -5.791  -13.529 6.660   1.00 48.57 ? 219 HOH A O   1 
HETATM 735 O O   . HOH B 2 .  ? 11.436  -4.126  -12.042 1.00 39.95 ? 220 HOH A O   1 
HETATM 736 O O   . HOH B 2 .  ? 6.067   -5.354  -4.315  1.00 34.02 ? 221 HOH A O   1 
HETATM 737 O O   . HOH B 2 .  ? -2.569  11.575  -2.019  1.00 48.07 ? 222 HOH A O   1 
HETATM 738 O O   . HOH B 2 .  ? 0.702   -6.959  -0.935  1.00 43.87 ? 223 HOH A O   1 
HETATM 739 O O   . HOH B 2 .  ? -1.997  -15.849 7.185   1.00 50.03 ? 224 HOH A O   1 
HETATM 740 O O   . HOH B 2 .  ? 9.581   -1.099  3.391   1.00 45.47 ? 225 HOH A O   1 
HETATM 741 O O   . HOH B 2 .  ? 9.791   6.278   12.496  1.00 44.04 ? 226 HOH A O   1 
HETATM 742 O O   . HOH B 2 .  ? 0.126   8.733   4.423   1.00 34.27 ? 227 HOH A O   1 
HETATM 743 O O   . HOH B 2 .  ? 4.967   5.681   -10.742 1.00 41.93 ? 228 HOH A O   1 
HETATM 744 O O   . HOH B 2 .  ? -3.499  13.794  -2.704  1.00 53.85 ? 229 HOH A O   1 
HETATM 745 O O   . HOH B 2 .  ? 12.508  -4.869  3.295   1.00 45.30 ? 230 HOH A O   1 
HETATM 746 O O   . HOH B 2 .  ? 8.972   9.807   6.001   1.00 38.02 ? 231 HOH A O   1 
HETATM 747 O O   . HOH B 2 .  ? 2.830   -7.943  -1.865  1.00 46.44 ? 232 HOH A O   1 
HETATM 748 O O   . HOH B 2 .  ? -0.967  -6.328  -4.133  1.00 43.12 ? 233 HOH A O   1 
HETATM 749 O O   . HOH B 2 .  ? 11.657  7.328   4.753   1.00 44.17 ? 234 HOH A O   1 
HETATM 750 O O   . HOH B 2 .  ? 4.318   -7.156  -3.759  1.00 52.06 ? 235 HOH A O   1 
HETATM 751 O O   . HOH B 2 .  ? -1.659  -8.834  -5.155  1.00 55.91 ? 236 HOH A O   1 
HETATM 752 O O   . HOH B 2 .  ? -3.227  -2.016  12.059  1.00 46.56 ? 237 HOH A O   1 
# 
